data_1U5I
#
_entry.id   1U5I
#
_cell.length_a   51.658
_cell.length_b   156.520
_cell.length_c   64.227
_cell.angle_alpha   90.00
_cell.angle_beta   95.39
_cell.angle_gamma   90.00
#
_symmetry.space_group_name_H-M   'P 1 21 1'
#
loop_
_entity.id
_entity.type
_entity.pdbx_description
1 polymer 'Calpain 2, large [catalytic] subunit precursor'
2 polymer 'Calpain small subunit 1'
3 water water
#
loop_
_entity_poly.entity_id
_entity_poly.type
_entity_poly.pdbx_seq_one_letter_code
_entity_poly.pdbx_strand_id
1 'polypeptide(L)'
;MAGIAMKLATDREAAEGLGSHERAIKYLNQDYETLRNECLEAGALFQDPSFPALPSSLGFKELGPYSSKTRGIEWKRPTE
ICADPQFIIGGATRTDICQGALGDSWLLAAIASLTLNEEILARVVPLDQSFQENYAGIFHFQFWQYGEWVEVVVDDRLPT
KDGELLFVHSAEGSEFWSALLEKAYAKINGCYEALSGGATTEGFEDFTGGIAEWYELRKPPPNLFKIIQKALEKGSLLGC
SIDITSAADSEAVTYQKLVKGHAYSVTGAEEVESSGSLQKLIRIRNPWGQVEWTGKWNDNCPSWNTVDPEVRANLTERQE
DGEFWMSFSDFLRHYSRLEICNLTPDTLTCDSYKKWKLTKMDGNWRRGSTAGGCRNYPNTFWMNPQYLIKLEEEDEDDED
GERGCTFLVGLIQKHRRRQRKMGEDMHTIGFGIYEVPEELTGQTNIHLSKNFFLTTRARERSDTFINLREVLNRFKLPPG
EYVLVPSTFEPHKNGDFCIRVFSEKKADYQTVDDEIEANIEEIEANEEDIGDGFRRLFAQLAGEDAEISAFELQTILRRV
LAKREDIKSDGFSIETCKIMVDMLDEDGSGKLGLKEFYILWTKIQKYQKIYREIDVDRSGTMNSYEMRKALEEAGFKLPC
QLHQVIVARFADDELIIDFDNFVRCLVRLEILFKIFKQLDPENTGTIQLDLISWLSFSVL
;
A
2 'polypeptide(L)'
;MHYSNIEANESEEERQFRKLFVQLAGDDMEVSATELMNILNKVVTRHPDLKTDGFGIDTCRSMVAVMDSDTTGKLGFEEF
KYLWNNIKKWQGIYKRFDTDRSGTIGSNELPGAFEAAGFHLNQHIYSMIIRRYSDETGNMDFDNFISCLVRLDAMFRAFR
SLDKNGTGQIQVNIQEWLQLTMYS
;
B
#
# COMPACT_ATOMS: atom_id res chain seq x y z
N ALA A 2 -1.79 11.11 -4.38
CA ALA A 2 -1.24 10.74 -3.09
C ALA A 2 -2.13 11.09 -2.03
N GLY A 3 -1.90 10.51 -0.84
CA GLY A 3 -2.75 10.56 0.34
C GLY A 3 -3.76 9.53 0.46
N ILE A 4 -4.57 9.65 1.47
CA ILE A 4 -5.57 8.56 1.66
C ILE A 4 -6.66 8.46 0.55
N ALA A 5 -7.05 9.59 0.00
CA ALA A 5 -8.18 9.60 -0.91
C ALA A 5 -7.90 8.89 -2.15
N MET A 6 -6.62 8.65 -2.32
CA MET A 6 -6.21 7.93 -3.53
C MET A 6 -6.42 6.36 -3.39
N LYS A 7 -5.96 5.81 -2.25
CA LYS A 7 -5.98 4.44 -1.95
C LYS A 7 -7.46 4.03 -1.93
N LEU A 8 -8.29 4.95 -1.52
CA LEU A 8 -9.75 4.74 -1.22
C LEU A 8 -10.42 4.52 -2.62
N ALA A 9 -10.02 5.26 -3.67
CA ALA A 9 -10.57 5.39 -5.04
C ALA A 9 -10.07 4.10 -5.70
N THR A 10 -8.89 3.68 -5.37
CA THR A 10 -8.31 2.59 -6.00
C THR A 10 -9.06 1.44 -5.38
N ASP A 11 -9.21 1.58 -4.04
CA ASP A 11 -9.90 0.47 -3.34
C ASP A 11 -11.31 0.29 -3.91
N ARG A 12 -12.04 1.37 -4.02
CA ARG A 12 -13.28 1.20 -4.67
C ARG A 12 -13.20 0.60 -6.10
N GLU A 13 -12.23 1.01 -6.87
CA GLU A 13 -12.02 0.45 -8.19
C GLU A 13 -11.82 -1.25 -8.15
N ALA A 14 -11.05 -1.71 -7.21
CA ALA A 14 -10.78 -3.00 -7.12
C ALA A 14 -12.00 -3.80 -6.75
N ALA A 15 -12.75 -3.16 -5.89
CA ALA A 15 -14.05 -3.77 -5.51
C ALA A 15 -15.01 -3.76 -6.70
N GLU A 16 -14.75 -2.93 -7.74
CA GLU A 16 -15.56 -3.09 -8.93
C GLU A 16 -14.95 -3.98 -9.92
N GLY A 17 -13.88 -4.67 -9.55
CA GLY A 17 -13.23 -5.62 -10.51
C GLY A 17 -11.90 -5.13 -11.18
N LEU A 18 -11.45 -3.89 -10.94
CA LEU A 18 -10.22 -3.39 -11.47
C LEU A 18 -9.09 -4.00 -10.83
N GLY A 19 -8.24 -4.68 -11.58
CA GLY A 19 -7.21 -5.59 -11.17
C GLY A 19 -7.46 -7.17 -11.26
N SER A 20 -8.66 -7.52 -11.59
CA SER A 20 -9.02 -8.90 -12.03
C SER A 20 -8.55 -9.10 -13.43
N HIS A 21 -8.34 -10.34 -13.82
CA HIS A 21 -7.78 -10.80 -15.16
C HIS A 21 -8.59 -10.19 -16.25
N GLU A 22 -9.92 -10.09 -16.08
CA GLU A 22 -10.77 -9.47 -17.14
C GLU A 22 -10.54 -7.95 -17.21
N ARG A 23 -10.07 -7.30 -16.15
CA ARG A 23 -9.86 -5.81 -16.18
C ARG A 23 -8.53 -5.37 -15.54
N ALA A 24 -7.49 -5.71 -16.27
CA ALA A 24 -6.26 -5.49 -15.69
C ALA A 24 -5.89 -3.96 -15.54
N ILE A 25 -5.00 -3.73 -14.61
CA ILE A 25 -4.53 -2.35 -14.36
C ILE A 25 -3.61 -1.92 -15.47
N LYS A 26 -3.86 -0.79 -16.01
CA LYS A 26 -3.01 -0.19 -16.98
C LYS A 26 -1.75 0.37 -16.33
N TYR A 27 -0.59 -0.31 -16.56
CA TYR A 27 0.61 0.04 -15.85
C TYR A 27 0.98 1.38 -16.32
N LEU A 28 1.28 2.29 -15.41
CA LEU A 28 1.71 3.76 -15.78
C LEU A 28 0.70 4.42 -16.52
N ASN A 29 -0.56 3.93 -16.44
CA ASN A 29 -1.61 4.47 -17.25
C ASN A 29 -1.64 4.50 -18.72
N GLN A 30 -0.93 3.52 -19.29
CA GLN A 30 -0.67 3.42 -20.69
C GLN A 30 -1.65 2.38 -21.16
N ASP A 31 -2.28 2.58 -22.30
CA ASP A 31 -3.11 1.72 -22.86
C ASP A 31 -2.69 1.25 -24.30
N TYR A 32 -2.84 -0.04 -24.52
CA TYR A 32 -2.30 -0.62 -25.74
C TYR A 32 -3.07 -0.21 -26.90
N GLU A 33 -4.35 -0.45 -26.87
CA GLU A 33 -5.08 -0.04 -28.09
C GLU A 33 -4.78 1.53 -28.41
N THR A 34 -4.90 2.37 -27.40
CA THR A 34 -4.72 3.83 -27.71
C THR A 34 -3.46 4.16 -28.32
N LEU A 35 -2.42 3.75 -27.62
CA LEU A 35 -1.09 4.17 -28.09
C LEU A 35 -0.76 3.52 -29.50
N ARG A 36 -1.07 2.25 -29.57
CA ARG A 36 -1.08 1.66 -30.87
C ARG A 36 -1.79 2.48 -31.96
N ASN A 37 -3.06 2.72 -31.78
CA ASN A 37 -3.72 3.57 -32.79
C ASN A 37 -3.01 5.00 -33.05
N GLU A 38 -2.68 5.63 -31.99
CA GLU A 38 -1.94 6.78 -32.19
C GLU A 38 -0.72 6.60 -33.10
N CYS A 39 0.10 5.68 -32.80
CA CYS A 39 1.22 5.43 -33.68
C CYS A 39 0.73 5.11 -35.20
N LEU A 40 -0.32 4.27 -35.39
CA LEU A 40 -0.95 3.98 -36.69
C LEU A 40 -1.43 5.24 -37.44
N GLU A 41 -2.11 6.16 -36.77
CA GLU A 41 -2.55 7.46 -37.44
C GLU A 41 -1.38 8.38 -37.96
N ALA A 42 -0.33 8.35 -37.20
CA ALA A 42 0.92 8.95 -37.51
C ALA A 42 1.90 8.02 -38.36
N GLY A 43 1.60 6.81 -38.77
CA GLY A 43 2.60 6.10 -39.55
C GLY A 43 4.04 6.10 -38.96
N ALA A 44 4.16 6.04 -37.59
CA ALA A 44 5.36 5.88 -36.81
C ALA A 44 5.32 4.53 -36.12
N LEU A 45 6.51 4.02 -35.87
CA LEU A 45 6.62 2.97 -34.89
C LEU A 45 6.74 3.37 -33.45
N PHE A 46 6.21 2.52 -32.55
CA PHE A 46 6.12 2.97 -31.13
C PHE A 46 7.44 3.17 -30.47
N GLN A 47 7.58 4.36 -29.77
CA GLN A 47 8.67 4.55 -28.85
C GLN A 47 8.25 4.81 -27.43
N ASP A 48 8.15 3.75 -26.50
CA ASP A 48 7.78 3.91 -25.09
C ASP A 48 8.61 4.92 -24.36
N PRO A 49 7.99 6.04 -23.95
CA PRO A 49 8.65 7.06 -22.98
C PRO A 49 8.92 6.49 -21.57
N SER A 50 8.17 5.50 -21.13
CA SER A 50 8.31 5.11 -19.74
C SER A 50 9.18 3.84 -19.67
N PHE A 51 9.97 3.58 -20.71
CA PHE A 51 11.01 2.55 -20.64
C PHE A 51 11.58 2.52 -21.97
N PRO A 52 12.36 3.54 -22.27
CA PRO A 52 12.97 3.75 -23.63
C PRO A 52 14.15 2.72 -23.85
N ALA A 53 14.55 2.68 -25.10
CA ALA A 53 15.78 1.89 -25.46
C ALA A 53 17.08 2.56 -25.04
N LEU A 54 17.28 2.66 -23.75
CA LEU A 54 18.46 3.34 -23.19
C LEU A 54 18.90 2.58 -22.00
N PRO A 55 20.03 2.96 -21.44
CA PRO A 55 20.62 2.31 -20.29
C PRO A 55 19.73 2.07 -19.12
N SER A 56 19.02 3.12 -18.90
CA SER A 56 17.86 3.05 -17.88
C SER A 56 17.14 1.71 -17.77
N SER A 57 16.78 1.20 -18.92
CA SER A 57 16.05 0.04 -18.91
C SER A 57 16.86 -1.23 -18.87
N LEU A 58 18.15 -1.09 -18.81
CA LEU A 58 19.04 -2.20 -18.75
C LEU A 58 19.44 -2.49 -17.35
N GLY A 59 20.05 -1.49 -16.72
CA GLY A 59 20.57 -1.66 -15.41
C GLY A 59 21.00 -0.41 -14.69
N PHE A 60 21.40 -0.68 -13.48
CA PHE A 60 22.01 0.41 -12.67
C PHE A 60 23.28 -0.05 -12.10
N LYS A 61 23.65 -1.33 -12.15
CA LYS A 61 24.97 -1.78 -11.45
C LYS A 61 25.63 -2.87 -12.39
N GLU A 62 25.24 -4.12 -12.32
CA GLU A 62 25.80 -5.00 -13.26
C GLU A 62 25.55 -4.56 -14.71
N LEU A 63 24.32 -4.27 -15.06
CA LEU A 63 23.92 -3.82 -16.33
C LEU A 63 23.78 -2.29 -16.31
N GLY A 64 24.67 -1.54 -15.58
CA GLY A 64 24.48 -0.10 -15.49
C GLY A 64 24.93 0.77 -16.76
N PRO A 65 24.74 2.08 -16.69
CA PRO A 65 25.25 2.91 -17.70
C PRO A 65 26.69 2.99 -17.40
N TYR A 66 27.41 3.34 -18.45
CA TYR A 66 28.88 3.25 -18.40
C TYR A 66 29.45 1.90 -18.08
N SER A 67 28.62 0.92 -17.90
CA SER A 67 29.08 -0.41 -17.63
C SER A 67 29.43 -1.07 -18.97
N SER A 68 30.48 -1.90 -19.02
CA SER A 68 31.00 -2.29 -20.34
C SER A 68 30.08 -3.30 -20.86
N LYS A 69 29.49 -4.04 -19.96
CA LYS A 69 28.54 -5.09 -20.45
C LYS A 69 27.35 -4.49 -21.35
N THR A 70 27.01 -3.23 -20.98
CA THR A 70 25.99 -2.54 -21.75
C THR A 70 26.68 -1.55 -22.68
N ARG A 71 27.93 -1.68 -22.94
CA ARG A 71 28.50 -0.71 -23.94
C ARG A 71 28.26 -1.14 -25.45
N GLY A 72 27.80 -0.21 -26.26
CA GLY A 72 27.58 -0.57 -27.57
C GLY A 72 26.48 -1.58 -27.90
N ILE A 73 25.50 -1.73 -27.06
CA ILE A 73 24.09 -2.19 -27.48
C ILE A 73 23.37 -1.41 -28.45
N GLU A 74 22.82 -2.12 -29.42
CA GLU A 74 22.03 -1.64 -30.51
C GLU A 74 20.62 -2.19 -30.34
N TRP A 75 19.73 -1.29 -30.09
CA TRP A 75 18.42 -1.75 -30.00
C TRP A 75 17.84 -1.80 -31.38
N LYS A 76 17.25 -2.93 -31.72
CA LYS A 76 16.78 -3.07 -32.97
C LYS A 76 15.33 -3.76 -32.98
N ARG A 77 14.42 -3.45 -33.87
CA ARG A 77 13.13 -3.99 -33.74
C ARG A 77 13.00 -5.33 -34.47
N PRO A 78 12.01 -6.13 -34.23
CA PRO A 78 12.03 -7.50 -34.82
C PRO A 78 12.30 -7.52 -36.32
N THR A 79 11.62 -6.62 -37.06
CA THR A 79 11.86 -6.53 -38.54
C THR A 79 13.44 -6.29 -38.78
N GLU A 80 14.18 -5.83 -37.85
CA GLU A 80 15.54 -5.54 -38.21
C GLU A 80 16.50 -6.52 -37.71
N ILE A 81 16.03 -7.79 -37.63
CA ILE A 81 16.83 -8.88 -37.28
C ILE A 81 16.13 -10.18 -37.68
N CYS A 82 15.37 -10.15 -38.68
CA CYS A 82 14.76 -11.38 -39.03
C CYS A 82 13.99 -11.02 -40.42
N ALA A 83 13.91 -11.91 -41.40
CA ALA A 83 13.22 -11.36 -42.55
C ALA A 83 11.75 -11.36 -42.30
N ASP A 84 11.38 -12.37 -41.57
CA ASP A 84 10.03 -12.50 -41.38
C ASP A 84 9.75 -12.72 -39.87
N PRO A 85 9.81 -11.72 -38.96
CA PRO A 85 9.28 -11.88 -37.60
C PRO A 85 7.77 -12.27 -37.46
N GLN A 86 7.62 -13.36 -36.70
CA GLN A 86 6.42 -13.87 -36.20
C GLN A 86 6.11 -13.51 -34.64
N PHE A 87 4.88 -13.21 -34.21
CA PHE A 87 4.71 -13.12 -32.74
C PHE A 87 4.75 -14.53 -32.05
N ILE A 88 3.77 -15.32 -32.46
CA ILE A 88 3.71 -16.68 -32.01
C ILE A 88 3.22 -17.55 -33.11
N ILE A 89 3.92 -18.71 -33.28
CA ILE A 89 3.44 -20.02 -33.88
C ILE A 89 2.72 -21.03 -32.99
N GLY A 90 1.50 -21.42 -33.39
CA GLY A 90 0.81 -22.49 -32.73
C GLY A 90 1.31 -23.85 -33.30
N GLY A 91 0.90 -24.97 -32.65
CA GLY A 91 1.48 -26.30 -32.91
C GLY A 91 2.51 -26.56 -31.83
N ALA A 92 3.01 -25.53 -31.19
CA ALA A 92 4.19 -25.63 -30.36
C ALA A 92 4.19 -26.84 -29.52
N THR A 93 5.13 -27.79 -29.85
CA THR A 93 5.34 -29.14 -29.18
C THR A 93 6.64 -29.15 -28.47
N ARG A 94 7.48 -28.21 -28.87
CA ARG A 94 8.58 -27.92 -28.04
C ARG A 94 9.01 -26.51 -27.83
N THR A 95 10.15 -26.28 -27.17
CA THR A 95 10.67 -24.93 -27.08
C THR A 95 12.06 -24.90 -27.47
N ASP A 96 12.56 -23.82 -28.01
CA ASP A 96 14.06 -23.64 -28.14
C ASP A 96 14.57 -22.27 -27.65
N ILE A 97 13.92 -21.75 -26.59
CA ILE A 97 14.31 -20.46 -25.99
C ILE A 97 15.56 -20.57 -25.36
N CYS A 98 16.34 -19.52 -25.51
CA CYS A 98 17.54 -19.54 -24.80
C CYS A 98 17.85 -18.28 -24.44
N GLN A 99 18.92 -18.08 -23.72
CA GLN A 99 19.33 -16.72 -23.16
C GLN A 99 20.50 -16.11 -23.77
N GLY A 100 20.65 -14.79 -23.76
CA GLY A 100 21.61 -14.21 -24.59
C GLY A 100 22.72 -14.15 -23.57
N ALA A 101 23.71 -13.38 -23.93
CA ALA A 101 24.82 -13.37 -23.13
C ALA A 101 24.54 -12.68 -21.82
N LEU A 102 23.56 -11.77 -21.86
CA LEU A 102 23.06 -11.11 -20.57
C LEU A 102 21.78 -11.76 -20.14
N GLY A 103 21.36 -11.70 -18.97
CA GLY A 103 20.04 -12.23 -18.89
C GLY A 103 19.94 -13.62 -18.26
N ASP A 104 19.20 -13.64 -17.13
CA ASP A 104 19.16 -14.76 -16.21
C ASP A 104 18.33 -15.92 -16.84
N SER A 105 18.58 -17.02 -16.29
CA SER A 105 18.29 -18.21 -16.97
C SER A 105 17.06 -18.70 -16.30
N TRP A 106 16.61 -18.05 -15.21
CA TRP A 106 15.25 -18.39 -14.68
C TRP A 106 14.17 -18.20 -15.76
N LEU A 107 14.43 -17.39 -16.77
CA LEU A 107 13.40 -17.13 -17.77
C LEU A 107 13.17 -18.20 -18.60
N LEU A 108 14.24 -19.02 -18.79
CA LEU A 108 14.02 -20.26 -19.52
C LEU A 108 12.82 -21.10 -19.01
N ALA A 109 12.93 -21.55 -17.77
CA ALA A 109 11.95 -22.41 -17.28
C ALA A 109 10.61 -21.76 -17.23
N ALA A 110 10.58 -20.43 -16.84
CA ALA A 110 9.24 -19.82 -16.74
C ALA A 110 8.67 -19.79 -18.12
N ILE A 111 9.37 -19.19 -19.04
CA ILE A 111 8.79 -19.22 -20.38
C ILE A 111 8.43 -20.65 -20.98
N ALA A 112 9.29 -21.59 -20.67
CA ALA A 112 9.15 -22.98 -21.18
C ALA A 112 7.77 -23.57 -20.64
N SER A 113 7.44 -23.24 -19.37
CA SER A 113 6.16 -23.75 -18.84
C SER A 113 5.03 -23.22 -19.54
N LEU A 114 5.18 -22.04 -20.04
CA LEU A 114 4.06 -21.31 -20.65
C LEU A 114 3.72 -21.79 -21.97
N THR A 115 4.80 -22.10 -22.73
CA THR A 115 4.65 -22.67 -24.12
C THR A 115 3.98 -24.09 -24.28
N LEU A 116 3.64 -24.76 -23.21
CA LEU A 116 3.01 -26.00 -23.26
C LEU A 116 1.65 -25.91 -22.50
N ASN A 117 1.05 -24.73 -22.24
CA ASN A 117 -0.40 -24.70 -22.08
C ASN A 117 -0.93 -23.46 -22.64
N GLU A 118 -1.88 -23.60 -23.59
CA GLU A 118 -2.44 -22.44 -24.37
C GLU A 118 -3.15 -21.52 -23.37
N GLU A 119 -4.04 -22.13 -22.57
CA GLU A 119 -4.96 -21.40 -21.76
C GLU A 119 -4.08 -20.57 -20.81
N ILE A 120 -2.93 -21.07 -20.47
CA ILE A 120 -2.05 -20.35 -19.66
C ILE A 120 -1.43 -19.17 -20.34
N LEU A 121 -0.69 -19.48 -21.30
CA LEU A 121 0.03 -18.51 -22.04
C LEU A 121 -0.86 -17.43 -22.38
N ALA A 122 -2.02 -17.80 -22.74
CA ALA A 122 -2.87 -16.75 -23.34
C ALA A 122 -3.14 -15.80 -22.28
N ARG A 123 -3.19 -16.32 -21.01
CA ARG A 123 -3.64 -15.49 -19.85
C ARG A 123 -2.63 -14.51 -19.66
N VAL A 124 -1.46 -14.77 -20.13
CA VAL A 124 -0.41 -13.66 -19.97
C VAL A 124 0.02 -13.02 -21.26
N VAL A 125 -0.30 -13.58 -22.38
CA VAL A 125 0.14 -13.13 -23.71
C VAL A 125 -1.07 -13.12 -24.53
N PRO A 126 -1.79 -12.02 -24.61
CA PRO A 126 -2.78 -11.78 -25.66
C PRO A 126 -2.29 -12.29 -27.00
N LEU A 127 -3.11 -13.19 -27.65
CA LEU A 127 -2.70 -13.85 -28.89
C LEU A 127 -3.05 -12.92 -29.95
N ASP A 128 -3.94 -11.99 -29.69
CA ASP A 128 -4.26 -11.19 -30.87
C ASP A 128 -3.19 -10.20 -31.23
N GLN A 129 -2.08 -10.60 -31.80
CA GLN A 129 -0.96 -9.65 -31.77
C GLN A 129 -0.12 -10.03 -32.87
N SER A 130 0.54 -9.10 -33.60
CA SER A 130 1.40 -9.61 -34.72
C SER A 130 2.31 -8.71 -35.40
N PHE A 131 3.08 -9.21 -36.32
CA PHE A 131 3.92 -8.13 -37.15
C PHE A 131 3.37 -7.86 -38.56
N GLN A 132 2.38 -8.63 -38.84
CA GLN A 132 1.80 -8.56 -40.09
C GLN A 132 0.48 -7.77 -39.93
N GLU A 133 -0.40 -7.94 -38.89
CA GLU A 133 -1.64 -7.03 -38.82
C GLU A 133 -1.38 -5.49 -38.48
N ASN A 134 -1.88 -5.04 -37.32
CA ASN A 134 -2.07 -3.56 -37.14
C ASN A 134 -0.77 -3.10 -36.46
N TYR A 135 0.35 -3.87 -36.63
CA TYR A 135 1.80 -3.62 -36.33
C TYR A 135 2.14 -2.23 -36.15
N ALA A 136 2.69 -1.81 -34.97
CA ALA A 136 3.08 -0.41 -34.83
C ALA A 136 4.09 -0.32 -33.88
N GLY A 137 4.72 -1.45 -33.79
CA GLY A 137 5.87 -1.61 -32.88
C GLY A 137 5.50 -1.54 -31.39
N ILE A 138 4.28 -1.90 -31.05
CA ILE A 138 3.90 -1.98 -29.76
C ILE A 138 3.39 -3.44 -29.36
N PHE A 139 3.75 -3.91 -28.15
CA PHE A 139 2.99 -5.04 -27.75
C PHE A 139 2.54 -4.79 -26.27
N HIS A 140 1.78 -5.72 -25.76
CA HIS A 140 1.25 -5.76 -24.45
C HIS A 140 1.07 -7.06 -23.89
N PHE A 141 1.25 -7.18 -22.61
CA PHE A 141 1.22 -8.45 -21.75
C PHE A 141 0.38 -8.20 -20.44
N GLN A 142 0.25 -9.23 -19.61
CA GLN A 142 -0.60 -9.19 -18.45
C GLN A 142 0.14 -10.09 -17.41
N PHE A 143 0.59 -9.34 -16.39
CA PHE A 143 1.19 -9.98 -15.30
C PHE A 143 0.41 -10.05 -14.08
N TRP A 144 0.58 -11.01 -13.19
CA TRP A 144 -0.10 -10.99 -11.88
C TRP A 144 0.83 -10.39 -10.85
N GLN A 145 0.32 -9.45 -10.02
CA GLN A 145 1.14 -8.66 -9.08
C GLN A 145 0.58 -8.67 -7.71
N TYR A 146 1.09 -9.61 -6.92
CA TYR A 146 0.80 -9.71 -5.65
C TYR A 146 -0.71 -9.54 -5.62
N GLY A 147 -1.45 -10.31 -6.38
CA GLY A 147 -2.84 -10.43 -6.10
C GLY A 147 -3.71 -9.82 -7.13
N GLU A 148 -3.20 -9.03 -7.96
CA GLU A 148 -4.06 -8.37 -8.91
C GLU A 148 -3.29 -8.41 -10.30
N TRP A 149 -4.09 -8.27 -11.36
CA TRP A 149 -3.49 -8.20 -12.66
C TRP A 149 -3.21 -6.86 -13.22
N VAL A 150 -2.03 -6.68 -13.93
CA VAL A 150 -1.47 -5.38 -14.40
C VAL A 150 -1.00 -5.53 -15.89
N GLU A 151 -1.51 -4.72 -16.81
CA GLU A 151 -1.19 -4.84 -18.11
C GLU A 151 -0.18 -3.85 -18.43
N VAL A 152 0.87 -4.34 -19.11
CA VAL A 152 2.13 -3.61 -19.34
C VAL A 152 2.25 -3.55 -20.80
N VAL A 153 2.79 -2.54 -21.34
CA VAL A 153 2.93 -2.36 -22.73
C VAL A 153 4.46 -2.09 -22.98
N VAL A 154 4.97 -2.65 -24.12
CA VAL A 154 6.40 -2.34 -24.54
C VAL A 154 6.53 -2.11 -26.02
N ASP A 155 7.44 -1.27 -26.38
CA ASP A 155 7.71 -1.17 -27.80
C ASP A 155 8.70 -2.39 -28.11
N ASP A 156 8.66 -2.88 -29.37
CA ASP A 156 9.44 -3.99 -29.77
C ASP A 156 11.02 -3.85 -29.78
N ARG A 157 11.61 -2.76 -29.62
CA ARG A 157 13.04 -2.74 -29.76
C ARG A 157 13.62 -3.62 -28.66
N LEU A 158 14.38 -4.61 -29.06
CA LEU A 158 15.05 -5.54 -28.14
C LEU A 158 16.58 -5.31 -28.15
N PRO A 159 17.20 -5.47 -27.09
CA PRO A 159 18.64 -5.29 -27.08
C PRO A 159 19.53 -6.30 -27.79
N THR A 160 20.59 -5.83 -28.41
CA THR A 160 21.54 -6.75 -29.29
C THR A 160 22.88 -6.27 -29.35
N LYS A 161 23.85 -7.15 -29.26
CA LYS A 161 25.33 -6.79 -29.58
C LYS A 161 25.84 -7.70 -30.76
N ASP A 162 26.40 -7.09 -31.80
CA ASP A 162 26.71 -7.84 -33.10
C ASP A 162 25.53 -8.64 -33.72
N GLY A 163 24.31 -8.07 -33.55
CA GLY A 163 23.08 -8.57 -34.17
C GLY A 163 22.64 -9.86 -33.46
N GLU A 164 23.42 -10.28 -32.38
CA GLU A 164 22.95 -11.22 -31.41
C GLU A 164 22.04 -10.75 -30.21
N LEU A 165 20.76 -11.27 -30.05
CA LEU A 165 19.90 -10.93 -28.96
C LEU A 165 20.65 -11.36 -27.65
N LEU A 166 20.73 -10.42 -26.70
CA LEU A 166 21.41 -10.44 -25.40
C LEU A 166 20.61 -11.04 -24.27
N PHE A 167 19.34 -11.45 -24.52
CA PHE A 167 18.36 -11.90 -23.51
C PHE A 167 17.63 -13.06 -24.01
N VAL A 168 16.36 -13.21 -23.61
CA VAL A 168 15.50 -14.33 -23.96
C VAL A 168 15.13 -14.23 -25.33
N HIS A 169 15.31 -15.33 -26.00
CA HIS A 169 15.11 -15.46 -27.51
C HIS A 169 15.28 -16.88 -27.85
N SER A 170 14.31 -17.35 -28.67
CA SER A 170 14.26 -18.63 -29.25
C SER A 170 15.50 -18.78 -30.20
N ALA A 171 16.05 -20.00 -30.28
CA ALA A 171 17.21 -20.30 -31.24
C ALA A 171 16.87 -20.20 -32.74
N GLU A 172 15.75 -20.70 -33.22
CA GLU A 172 15.24 -20.53 -34.55
C GLU A 172 15.30 -19.17 -34.99
N GLY A 173 14.98 -18.18 -34.17
CA GLY A 173 15.13 -16.81 -34.57
C GLY A 173 13.91 -16.23 -35.21
N SER A 174 12.82 -16.94 -35.15
CA SER A 174 11.76 -16.31 -35.84
C SER A 174 10.61 -15.64 -34.93
N GLU A 175 10.16 -16.40 -33.89
CA GLU A 175 9.08 -16.11 -32.85
C GLU A 175 9.64 -15.14 -31.77
N PHE A 176 8.93 -13.99 -31.67
CA PHE A 176 9.37 -12.90 -30.89
C PHE A 176 8.63 -12.80 -29.54
N TRP A 177 7.51 -13.49 -29.36
CA TRP A 177 6.72 -13.22 -28.13
C TRP A 177 7.47 -13.42 -26.84
N SER A 178 8.28 -14.45 -26.84
CA SER A 178 9.04 -14.73 -25.65
C SER A 178 10.03 -13.62 -25.34
N ALA A 179 10.75 -13.14 -26.26
CA ALA A 179 11.73 -12.14 -25.92
C ALA A 179 10.97 -10.82 -25.43
N LEU A 180 9.71 -10.63 -25.91
CA LEU A 180 9.00 -9.39 -25.79
C LEU A 180 8.24 -9.40 -24.35
N LEU A 181 7.82 -10.54 -23.92
CA LEU A 181 7.32 -10.82 -22.55
C LEU A 181 8.41 -10.49 -21.54
N GLU A 182 9.68 -10.80 -21.85
CA GLU A 182 10.69 -10.71 -20.81
C GLU A 182 10.96 -9.19 -20.71
N LYS A 183 10.85 -8.46 -21.87
CA LYS A 183 11.06 -7.10 -21.94
C LYS A 183 9.99 -6.41 -21.03
N ALA A 184 8.78 -6.95 -21.05
CA ALA A 184 7.65 -6.17 -20.32
C ALA A 184 7.80 -6.45 -18.72
N TYR A 185 8.26 -7.69 -18.37
CA TYR A 185 8.47 -8.11 -17.04
C TYR A 185 9.63 -7.34 -16.51
N ALA A 186 10.73 -7.30 -17.25
CA ALA A 186 11.80 -6.32 -16.81
C ALA A 186 11.17 -4.95 -16.50
N LYS A 187 10.37 -4.51 -17.47
CA LYS A 187 9.61 -3.23 -17.36
C LYS A 187 8.87 -3.03 -16.00
N ILE A 188 7.96 -3.96 -15.69
CA ILE A 188 7.33 -3.72 -14.44
C ILE A 188 8.23 -3.90 -13.22
N ASN A 189 9.42 -4.46 -13.38
CA ASN A 189 10.44 -4.53 -12.31
C ASN A 189 11.51 -3.32 -12.41
N GLY A 190 11.44 -2.52 -13.40
CA GLY A 190 12.24 -1.35 -13.40
C GLY A 190 13.29 -1.45 -14.44
N CYS A 191 13.86 -2.59 -14.73
CA CYS A 191 14.93 -2.67 -15.78
C CYS A 191 15.27 -4.24 -15.83
N TYR A 192 16.02 -4.68 -16.87
CA TYR A 192 16.41 -6.02 -17.08
C TYR A 192 17.22 -6.57 -15.79
N GLU A 193 18.18 -5.76 -15.34
CA GLU A 193 18.99 -6.21 -14.32
C GLU A 193 18.35 -6.61 -13.06
N ALA A 194 17.16 -6.10 -12.92
CA ALA A 194 16.35 -6.50 -11.76
C ALA A 194 15.99 -7.99 -11.85
N LEU A 195 15.99 -8.51 -13.02
CA LEU A 195 15.58 -9.87 -13.21
C LEU A 195 16.70 -10.78 -12.94
N SER A 196 17.91 -10.17 -12.81
CA SER A 196 19.06 -10.99 -12.49
C SER A 196 18.82 -11.95 -11.41
N GLY A 197 18.58 -11.62 -10.16
CA GLY A 197 18.65 -12.94 -9.37
C GLY A 197 17.38 -13.85 -9.23
N GLY A 198 16.63 -13.99 -10.35
CA GLY A 198 15.26 -14.15 -10.09
C GLY A 198 15.01 -15.45 -9.55
N ALA A 199 13.80 -15.85 -9.08
CA ALA A 199 13.44 -17.28 -8.75
C ALA A 199 12.38 -17.78 -9.80
N THR A 200 12.34 -19.01 -10.12
CA THR A 200 11.44 -19.39 -11.17
C THR A 200 10.13 -19.49 -10.61
N THR A 201 10.01 -19.81 -9.30
CA THR A 201 8.68 -19.85 -8.81
C THR A 201 7.91 -18.46 -8.80
N GLU A 202 8.67 -17.31 -8.54
CA GLU A 202 8.17 -16.05 -8.49
C GLU A 202 7.71 -15.56 -9.81
N GLY A 203 8.58 -15.64 -10.75
CA GLY A 203 8.22 -15.09 -12.03
C GLY A 203 7.24 -16.08 -12.56
N PHE A 204 7.26 -17.27 -12.15
CA PHE A 204 6.23 -18.10 -12.72
C PHE A 204 4.93 -17.79 -12.06
N GLU A 205 4.97 -17.55 -10.82
CA GLU A 205 3.82 -16.86 -10.07
C GLU A 205 3.25 -15.59 -10.76
N ASP A 206 4.18 -14.79 -11.25
CA ASP A 206 3.71 -13.52 -11.92
C ASP A 206 3.31 -13.76 -13.32
N PHE A 207 3.48 -14.95 -13.78
CA PHE A 207 3.04 -15.19 -15.14
C PHE A 207 1.76 -15.86 -15.06
N THR A 208 1.24 -16.05 -13.87
CA THR A 208 0.03 -17.01 -13.88
C THR A 208 -1.04 -16.70 -12.95
N GLY A 209 -0.62 -16.13 -11.85
CA GLY A 209 -1.62 -15.83 -10.83
C GLY A 209 -1.68 -17.04 -9.85
N GLY A 210 -0.76 -18.01 -10.04
CA GLY A 210 -0.80 -19.20 -9.22
C GLY A 210 0.03 -19.21 -7.96
N ILE A 211 0.11 -20.33 -7.26
CA ILE A 211 0.83 -20.30 -6.06
C ILE A 211 1.76 -21.31 -5.97
N ALA A 212 3.06 -21.00 -5.75
CA ALA A 212 4.13 -22.12 -5.86
C ALA A 212 4.51 -22.93 -4.69
N GLU A 213 4.38 -24.23 -4.79
CA GLU A 213 4.56 -25.09 -3.57
C GLU A 213 5.77 -25.89 -3.97
N TRP A 214 6.73 -26.14 -3.05
CA TRP A 214 8.16 -26.36 -3.62
C TRP A 214 8.79 -27.17 -2.57
N TYR A 215 9.71 -28.05 -2.89
CA TYR A 215 10.18 -29.24 -2.05
C TYR A 215 11.63 -29.52 -2.45
N GLU A 216 12.48 -29.36 -1.44
CA GLU A 216 13.88 -29.89 -1.53
C GLU A 216 13.84 -31.41 -1.29
N LEU A 217 13.87 -32.12 -2.40
CA LEU A 217 14.06 -33.53 -2.54
C LEU A 217 15.05 -34.33 -1.57
N ARG A 218 16.24 -33.78 -1.29
CA ARG A 218 17.04 -34.12 -0.13
C ARG A 218 16.15 -34.60 1.02
N LYS A 219 15.03 -33.96 1.28
CA LYS A 219 14.34 -34.16 2.54
C LYS A 219 12.94 -34.14 2.20
N PRO A 220 12.50 -35.09 1.33
CA PRO A 220 11.12 -35.02 0.75
C PRO A 220 10.10 -35.26 1.96
N PRO A 221 8.92 -34.80 1.90
CA PRO A 221 7.96 -35.32 2.81
C PRO A 221 7.45 -36.68 2.33
N PRO A 222 6.87 -37.32 3.34
CA PRO A 222 6.24 -38.62 3.07
C PRO A 222 5.03 -38.07 2.27
N ASN A 223 4.27 -38.88 1.57
CA ASN A 223 3.06 -38.40 0.86
C ASN A 223 3.16 -37.45 -0.33
N LEU A 224 4.40 -37.18 -0.67
CA LEU A 224 4.69 -36.47 -1.85
C LEU A 224 4.04 -36.92 -3.17
N PHE A 225 4.14 -38.28 -3.48
CA PHE A 225 3.62 -38.89 -4.72
C PHE A 225 2.26 -38.61 -4.84
N LYS A 226 1.48 -38.76 -3.70
CA LYS A 226 0.02 -38.35 -3.79
C LYS A 226 -0.03 -36.84 -4.07
N ILE A 227 0.96 -36.03 -3.49
CA ILE A 227 0.84 -34.56 -3.78
C ILE A 227 1.05 -34.36 -5.30
N ILE A 228 2.03 -35.15 -5.80
CA ILE A 228 2.39 -35.05 -7.25
C ILE A 228 1.17 -35.44 -8.16
N GLN A 229 0.58 -36.51 -7.70
CA GLN A 229 -0.50 -36.98 -8.39
C GLN A 229 -1.56 -36.06 -8.25
N LYS A 230 -1.75 -35.47 -7.08
CA LYS A 230 -3.01 -34.62 -6.90
C LYS A 230 -2.94 -33.26 -7.70
N ALA A 231 -1.71 -32.68 -7.71
CA ALA A 231 -1.44 -31.51 -8.50
C ALA A 231 -1.85 -31.75 -9.98
N LEU A 232 -1.27 -32.85 -10.60
CA LEU A 232 -1.53 -33.24 -12.03
C LEU A 232 -2.94 -33.35 -12.40
N GLU A 233 -3.85 -33.72 -11.52
CA GLU A 233 -5.25 -33.78 -11.72
C GLU A 233 -5.78 -32.39 -11.70
N LYS A 234 -5.21 -31.59 -10.82
CA LYS A 234 -5.84 -30.20 -10.65
C LYS A 234 -5.33 -29.32 -11.79
N GLY A 235 -4.10 -29.60 -12.22
CA GLY A 235 -3.63 -28.99 -13.45
C GLY A 235 -2.42 -28.18 -13.30
N SER A 236 -1.63 -28.59 -12.41
CA SER A 236 -0.55 -27.70 -11.98
C SER A 236 0.72 -28.02 -12.79
N LEU A 237 1.40 -26.95 -13.18
CA LEU A 237 2.66 -27.07 -13.79
C LEU A 237 3.73 -27.46 -12.76
N LEU A 238 4.53 -28.53 -12.93
CA LEU A 238 5.56 -28.90 -12.02
C LEU A 238 6.79 -28.88 -12.76
N GLY A 239 7.87 -28.77 -12.02
CA GLY A 239 9.12 -28.44 -12.65
C GLY A 239 10.10 -28.92 -11.69
N CYS A 240 11.14 -29.57 -12.17
CA CYS A 240 12.09 -30.18 -11.30
C CYS A 240 13.50 -29.92 -11.89
N SER A 241 14.56 -30.23 -11.17
CA SER A 241 15.91 -30.02 -11.75
C SER A 241 17.00 -30.32 -10.84
N ILE A 242 18.22 -30.13 -11.27
CA ILE A 242 19.31 -30.48 -10.31
C ILE A 242 20.21 -29.34 -9.98
N ASP A 243 20.64 -29.29 -8.74
CA ASP A 243 21.31 -28.06 -8.23
C ASP A 243 22.93 -28.17 -8.51
N ILE A 244 23.47 -27.00 -8.97
CA ILE A 244 24.85 -26.75 -9.29
C ILE A 244 25.29 -25.96 -8.07
N GLY A 261 21.89 -28.37 -14.90
CA GLY A 261 21.02 -27.45 -14.25
C GLY A 261 19.92 -27.10 -15.24
N HIS A 262 19.25 -28.09 -15.83
CA HIS A 262 18.21 -27.90 -16.91
C HIS A 262 16.78 -28.12 -16.29
N ALA A 263 15.79 -27.35 -16.70
CA ALA A 263 14.50 -27.59 -16.09
C ALA A 263 13.60 -28.44 -16.88
N TYR A 264 13.00 -29.35 -16.19
CA TYR A 264 12.28 -30.41 -16.76
C TYR A 264 11.04 -30.15 -16.08
N SER A 265 9.89 -30.62 -16.56
CA SER A 265 8.76 -30.79 -15.70
C SER A 265 8.40 -32.19 -15.47
N VAL A 266 7.31 -32.37 -14.66
CA VAL A 266 6.72 -33.62 -14.29
C VAL A 266 5.29 -33.66 -14.95
N THR A 267 5.01 -34.61 -15.86
CA THR A 267 3.68 -34.69 -16.46
C THR A 267 2.80 -35.82 -16.07
N GLY A 268 3.35 -36.76 -15.32
CA GLY A 268 2.52 -37.91 -14.86
C GLY A 268 3.03 -38.63 -13.59
N ALA A 269 2.21 -39.47 -13.01
CA ALA A 269 2.48 -40.04 -11.70
C ALA A 269 1.47 -41.08 -11.43
N GLU A 270 1.75 -42.28 -12.01
CA GLU A 270 0.91 -43.54 -11.89
C GLU A 270 1.77 -44.65 -11.33
N GLU A 271 1.15 -45.49 -10.43
CA GLU A 271 1.57 -46.87 -9.92
C GLU A 271 1.28 -48.13 -10.89
N VAL A 272 2.00 -49.26 -10.81
CA VAL A 272 1.95 -50.28 -11.93
C VAL A 272 2.31 -51.79 -11.70
N GLN A 279 4.47 -50.87 -10.05
CA GLN A 279 5.33 -49.86 -9.23
C GLN A 279 4.92 -48.34 -9.23
N LYS A 280 5.63 -47.57 -8.41
CA LYS A 280 5.76 -46.02 -8.38
C LYS A 280 6.63 -45.40 -9.54
N LEU A 281 5.87 -44.68 -10.34
CA LEU A 281 6.40 -44.14 -11.51
C LEU A 281 5.70 -42.84 -12.03
N ILE A 282 6.59 -41.86 -12.25
CA ILE A 282 6.31 -40.50 -12.73
C ILE A 282 7.11 -40.20 -13.98
N ARG A 283 6.39 -39.63 -14.92
CA ARG A 283 6.89 -39.35 -16.21
C ARG A 283 7.47 -37.94 -16.16
N ILE A 284 8.55 -37.69 -16.88
CA ILE A 284 9.34 -36.46 -16.80
C ILE A 284 9.47 -35.88 -18.14
N ARG A 285 8.89 -34.76 -18.42
CA ARG A 285 9.12 -34.06 -19.69
C ARG A 285 10.22 -33.08 -19.77
N ASN A 286 10.65 -32.80 -20.93
CA ASN A 286 11.62 -31.77 -21.05
C ASN A 286 11.10 -31.06 -22.29
N PRO A 287 10.64 -29.82 -22.14
CA PRO A 287 10.22 -28.96 -23.26
C PRO A 287 11.23 -28.71 -24.33
N TRP A 288 12.53 -28.72 -24.01
CA TRP A 288 13.44 -28.60 -25.12
C TRP A 288 13.59 -29.91 -26.05
N GLY A 289 13.02 -30.97 -25.54
CA GLY A 289 12.48 -32.12 -26.27
C GLY A 289 10.88 -32.26 -26.57
N GLN A 290 10.51 -33.31 -27.34
CA GLN A 290 9.20 -33.31 -28.07
C GLN A 290 8.22 -34.49 -27.75
N GLY A 322 10.03 -34.57 -25.81
CA GLY A 322 8.90 -35.31 -25.35
C GLY A 322 9.44 -35.71 -24.03
N GLU A 323 8.47 -36.45 -23.41
CA GLU A 323 8.53 -36.90 -22.04
C GLU A 323 9.27 -38.24 -21.93
N PHE A 324 9.24 -38.95 -20.80
CA PHE A 324 9.91 -40.25 -20.65
C PHE A 324 9.66 -40.81 -19.24
N TRP A 325 9.44 -42.16 -19.01
CA TRP A 325 9.13 -42.69 -17.61
C TRP A 325 10.39 -42.88 -16.80
N MET A 326 10.27 -42.83 -15.43
CA MET A 326 11.39 -43.00 -14.48
C MET A 326 10.91 -43.35 -13.03
N SER A 327 11.77 -44.02 -12.22
CA SER A 327 11.18 -44.52 -11.01
C SER A 327 10.81 -43.25 -10.23
N PHE A 328 9.71 -43.17 -9.51
CA PHE A 328 9.68 -42.10 -8.46
C PHE A 328 10.89 -42.10 -7.50
N SER A 329 11.71 -43.15 -7.44
CA SER A 329 12.64 -43.37 -6.35
C SER A 329 13.91 -42.90 -6.85
N ASP A 330 14.03 -42.98 -8.20
CA ASP A 330 15.17 -42.58 -9.08
C ASP A 330 15.09 -41.08 -9.24
N PHE A 331 13.87 -40.67 -9.41
CA PHE A 331 13.51 -39.24 -9.36
C PHE A 331 14.21 -38.57 -8.18
N LEU A 332 13.75 -39.13 -7.03
CA LEU A 332 14.09 -38.58 -5.79
C LEU A 332 15.60 -38.31 -5.76
N ARG A 333 16.35 -38.95 -6.69
CA ARG A 333 17.72 -39.24 -6.48
C ARG A 333 18.39 -38.49 -7.49
N HIS A 334 17.92 -38.51 -8.77
CA HIS A 334 18.43 -37.56 -9.99
C HIS A 334 18.06 -36.03 -9.87
N TYR A 335 16.84 -35.74 -9.37
CA TYR A 335 16.45 -34.38 -9.13
C TYR A 335 16.51 -33.95 -7.65
N SER A 336 16.71 -32.65 -7.49
CA SER A 336 16.95 -32.02 -6.18
C SER A 336 15.89 -30.98 -5.76
N ARG A 337 15.08 -30.46 -6.70
CA ARG A 337 13.95 -29.62 -6.49
C ARG A 337 12.77 -30.09 -7.24
N LEU A 338 11.68 -30.04 -6.53
CA LEU A 338 10.36 -30.10 -7.18
C LEU A 338 9.42 -28.84 -6.90
N GLU A 339 8.95 -28.12 -7.92
CA GLU A 339 8.13 -26.84 -7.79
C GLU A 339 6.76 -26.96 -8.30
N ILE A 340 5.79 -26.71 -7.51
CA ILE A 340 4.49 -26.98 -8.01
C ILE A 340 3.77 -25.68 -8.10
N CYS A 341 2.94 -25.50 -9.10
CA CYS A 341 2.22 -24.20 -9.26
C CYS A 341 0.80 -24.43 -9.57
N ASN A 342 0.03 -24.38 -8.55
CA ASN A 342 -1.41 -24.43 -8.51
C ASN A 342 -2.27 -23.36 -9.13
N LEU A 343 -3.19 -23.65 -10.00
CA LEU A 343 -3.82 -22.62 -10.76
C LEU A 343 -5.01 -22.15 -10.02
N THR A 344 -5.34 -20.86 -10.26
CA THR A 344 -6.64 -20.40 -9.79
C THR A 344 -7.64 -21.09 -10.51
N PRO A 345 -8.72 -21.15 -9.88
CA PRO A 345 -9.82 -21.86 -10.40
C PRO A 345 -10.26 -21.22 -11.78
N ASP A 346 -10.01 -19.94 -12.07
CA ASP A 346 -10.53 -19.31 -13.34
C ASP A 346 -9.47 -19.38 -14.41
N THR A 347 -8.39 -20.06 -14.16
CA THR A 347 -7.30 -20.18 -15.15
C THR A 347 -7.67 -21.07 -16.40
N LEU A 348 -7.94 -22.29 -16.17
CA LEU A 348 -8.50 -23.24 -17.17
C LEU A 348 -9.92 -23.38 -17.26
N THR A 349 -10.30 -23.61 -18.48
CA THR A 349 -11.73 -23.67 -18.76
C THR A 349 -12.08 -25.06 -19.02
N CYS A 350 -11.15 -26.02 -18.99
CA CYS A 350 -11.59 -27.37 -18.78
C CYS A 350 -12.94 -27.59 -17.94
N ASP A 351 -14.01 -27.85 -18.71
CA ASP A 351 -15.38 -28.15 -18.18
C ASP A 351 -15.39 -29.34 -17.06
N SER A 352 -15.16 -29.08 -15.78
CA SER A 352 -14.72 -30.17 -14.86
C SER A 352 -13.21 -30.72 -15.20
N TYR A 353 -12.23 -29.88 -14.66
CA TYR A 353 -10.76 -30.24 -14.41
C TYR A 353 -10.43 -30.26 -12.91
N LYS A 354 -11.49 -30.08 -12.15
CA LYS A 354 -11.35 -29.88 -10.74
C LYS A 354 -10.35 -28.83 -10.44
N LYS A 355 -10.89 -27.76 -9.98
CA LYS A 355 -10.02 -26.72 -9.52
C LYS A 355 -9.89 -26.44 -8.02
N TRP A 356 -8.85 -25.68 -7.70
CA TRP A 356 -8.80 -25.12 -6.32
C TRP A 356 -9.90 -24.17 -6.06
N LYS A 357 -10.36 -24.07 -4.84
CA LYS A 357 -11.27 -22.96 -4.48
C LYS A 357 -10.34 -21.88 -3.76
N LEU A 358 -10.48 -20.58 -4.11
CA LEU A 358 -9.47 -19.60 -3.79
C LEU A 358 -10.05 -18.55 -3.00
N THR A 359 -9.38 -18.06 -1.96
CA THR A 359 -9.82 -16.81 -1.35
C THR A 359 -8.54 -16.02 -1.01
N LYS A 360 -8.71 -14.74 -1.08
CA LYS A 360 -7.65 -14.01 -0.74
C LYS A 360 -8.00 -12.74 0.02
N MET A 361 -7.12 -12.20 0.81
CA MET A 361 -7.37 -10.89 1.35
C MET A 361 -6.10 -10.09 1.38
N ASP A 362 -6.06 -8.86 1.84
CA ASP A 362 -4.91 -7.91 1.79
C ASP A 362 -4.72 -7.27 3.14
N GLY A 363 -3.52 -7.02 3.46
CA GLY A 363 -3.26 -6.49 4.78
C GLY A 363 -1.93 -5.61 4.85
N ASN A 364 -1.83 -5.04 6.06
CA ASN A 364 -0.76 -4.41 6.39
C ASN A 364 -0.16 -4.53 7.74
N TRP A 365 1.28 -4.45 7.82
CA TRP A 365 1.94 -4.12 9.10
C TRP A 365 2.48 -2.63 9.16
N ARG A 366 2.27 -2.02 10.26
CA ARG A 366 2.75 -0.63 10.54
C ARG A 366 3.32 -0.39 11.92
N ARG A 367 4.54 0.10 11.97
CA ARG A 367 5.35 0.16 13.15
C ARG A 367 4.51 1.06 13.99
N GLY A 368 4.13 0.56 15.10
CA GLY A 368 3.48 1.44 16.10
C GLY A 368 2.10 1.09 16.44
N SER A 369 1.60 0.18 15.70
CA SER A 369 0.26 -0.20 15.75
C SER A 369 0.09 -1.63 15.34
N THR A 370 0.37 -1.97 14.15
CA THR A 370 0.10 -3.32 13.71
C THR A 370 1.30 -4.28 13.43
N ALA A 371 2.45 -3.75 13.50
CA ALA A 371 3.52 -4.59 13.23
C ALA A 371 3.96 -5.29 14.61
N GLY A 372 3.52 -6.48 14.80
CA GLY A 372 3.78 -7.28 16.05
C GLY A 372 4.65 -8.54 15.85
N GLY A 373 3.95 -9.54 15.43
CA GLY A 373 4.47 -10.73 14.84
C GLY A 373 5.52 -11.60 15.37
N CYS A 374 5.20 -12.88 15.31
CA CYS A 374 5.85 -13.91 15.85
C CYS A 374 5.30 -13.82 17.24
N ARG A 375 4.63 -14.90 17.58
CA ARG A 375 4.35 -15.39 18.92
C ARG A 375 5.57 -15.18 19.94
N ASN A 376 6.80 -15.08 19.42
CA ASN A 376 7.97 -14.70 20.30
C ASN A 376 7.76 -13.39 20.92
N TYR A 377 6.77 -12.69 20.46
CA TYR A 377 6.75 -11.22 20.99
C TYR A 377 5.40 -10.81 21.44
N PRO A 378 5.02 -11.27 22.67
CA PRO A 378 3.60 -11.42 23.09
C PRO A 378 3.15 -10.09 23.56
N ASN A 379 4.02 -9.09 23.77
CA ASN A 379 3.54 -7.79 23.96
C ASN A 379 2.71 -7.20 22.83
N THR A 380 2.92 -7.76 21.65
CA THR A 380 2.57 -7.12 20.36
C THR A 380 1.94 -8.14 19.36
N PHE A 381 2.25 -9.45 19.52
CA PHE A 381 1.83 -10.42 18.57
C PHE A 381 0.34 -10.21 18.30
N TRP A 382 -0.41 -10.05 19.37
CA TRP A 382 -1.90 -9.83 19.18
C TRP A 382 -2.38 -8.62 18.44
N MET A 383 -1.39 -7.82 18.22
CA MET A 383 -1.69 -6.62 17.50
C MET A 383 -1.63 -6.83 16.01
N ASN A 384 -1.13 -7.89 15.50
CA ASN A 384 -1.13 -8.02 14.08
C ASN A 384 -2.54 -8.17 13.59
N PRO A 385 -2.77 -8.11 12.25
CA PRO A 385 -4.09 -8.16 11.75
C PRO A 385 -4.48 -9.58 11.76
N GLN A 386 -5.74 -9.83 12.04
CA GLN A 386 -6.16 -11.22 12.12
C GLN A 386 -7.13 -11.71 11.04
N TYR A 387 -7.12 -12.93 10.67
CA TYR A 387 -8.14 -13.44 9.75
C TYR A 387 -8.77 -14.81 10.19
N LEU A 388 -9.97 -15.09 9.78
CA LEU A 388 -10.67 -16.40 10.16
C LEU A 388 -10.92 -17.23 8.84
N ILE A 389 -10.28 -18.40 8.76
CA ILE A 389 -10.50 -19.42 7.77
C ILE A 389 -11.41 -20.51 8.25
N LYS A 390 -12.49 -20.79 7.60
CA LYS A 390 -13.44 -21.82 8.16
C LYS A 390 -13.82 -22.72 7.10
N LEU A 391 -13.40 -23.92 7.30
CA LEU A 391 -13.68 -25.02 6.38
C LEU A 391 -15.07 -25.70 6.61
N GLU A 392 -15.46 -26.56 5.60
CA GLU A 392 -16.59 -27.53 5.84
C GLU A 392 -16.46 -28.98 5.37
N GLU A 393 -16.34 -29.20 4.08
CA GLU A 393 -16.18 -30.54 3.50
C GLU A 393 -14.70 -30.86 3.61
N GLU A 394 -14.41 -31.81 4.48
CA GLU A 394 -13.16 -32.51 4.44
C GLU A 394 -12.89 -33.07 3.07
N ASP A 395 -11.68 -32.97 2.63
CA ASP A 395 -11.21 -33.79 1.56
C ASP A 395 -11.82 -35.18 1.59
N GLU A 396 -12.63 -35.55 0.55
CA GLU A 396 -13.05 -36.95 0.21
C GLU A 396 -12.04 -38.17 0.30
N ASP A 397 -12.56 -39.39 0.71
CA ASP A 397 -11.66 -40.57 1.21
C ASP A 397 -10.86 -41.44 0.23
N ASP A 398 -9.80 -42.00 0.74
CA ASP A 398 -9.02 -42.89 -0.10
C ASP A 398 -7.91 -43.81 0.66
N GLU A 399 -7.38 -43.39 1.86
CA GLU A 399 -6.16 -43.97 2.66
C GLU A 399 -5.71 -43.22 3.99
N ASP A 400 -5.83 -42.02 4.20
CA ASP A 400 -5.46 -40.71 4.73
C ASP A 400 -6.25 -40.39 6.00
N GLY A 401 -5.25 -38.79 6.06
CA GLY A 401 -5.65 -39.10 7.41
C GLY A 401 -6.00 -37.86 8.23
N GLU A 402 -6.96 -38.17 8.77
CA GLU A 402 -8.28 -37.57 8.80
C GLU A 402 -8.62 -37.10 10.23
N ARG A 403 -8.67 -35.60 9.12
CA ARG A 403 -10.00 -35.27 8.61
C ARG A 403 -10.13 -33.78 8.32
N GLY A 404 -9.54 -34.30 7.04
CA GLY A 404 -8.61 -33.65 6.13
C GLY A 404 -9.28 -32.58 5.29
N CYS A 405 -9.58 -31.52 5.99
CA CYS A 405 -9.67 -30.49 4.84
C CYS A 405 -8.36 -29.84 4.31
N THR A 406 -8.07 -30.05 3.06
CA THR A 406 -6.73 -29.72 2.66
C THR A 406 -6.74 -28.24 2.07
N PHE A 407 -5.73 -27.47 2.54
CA PHE A 407 -5.57 -26.09 1.99
C PHE A 407 -4.22 -25.55 1.97
N LEU A 408 -4.04 -24.60 1.01
CA LEU A 408 -2.74 -24.00 0.96
C LEU A 408 -2.83 -22.50 1.53
N VAL A 409 -1.86 -22.10 2.35
CA VAL A 409 -1.87 -20.84 2.82
C VAL A 409 -0.78 -20.11 2.25
N GLY A 410 -1.04 -18.99 1.52
CA GLY A 410 0.11 -18.25 1.07
C GLY A 410 0.02 -16.81 1.61
N LEU A 411 1.19 -16.33 2.02
CA LEU A 411 1.38 -14.92 2.54
C LEU A 411 2.39 -14.39 1.62
N ILE A 412 2.07 -13.42 0.72
CA ILE A 412 3.16 -12.87 -0.09
C ILE A 412 3.37 -11.38 0.33
N GLN A 413 4.57 -10.83 0.21
CA GLN A 413 4.93 -9.50 0.62
C GLN A 413 4.98 -8.59 -0.51
N LYS A 414 4.31 -7.40 -0.41
CA LYS A 414 4.03 -6.65 -1.64
C LYS A 414 5.38 -5.74 -1.91
N HIS A 415 5.62 -5.34 -3.11
CA HIS A 415 6.71 -4.52 -3.43
C HIS A 415 7.05 -3.35 -2.48
N ARG A 416 8.32 -3.34 -1.99
CA ARG A 416 8.68 -2.21 -1.10
C ARG A 416 9.51 -1.28 -1.90
N ARG A 417 9.54 -0.02 -1.48
CA ARG A 417 10.08 1.07 -2.33
C ARG A 417 11.52 0.99 -2.57
N ARG A 418 12.26 0.15 -1.84
CA ARG A 418 13.70 -0.20 -2.14
C ARG A 418 13.98 -1.49 -2.71
N GLN A 419 13.06 -2.00 -3.40
CA GLN A 419 13.44 -3.41 -3.83
C GLN A 419 13.80 -2.95 -5.23
N ARG A 420 15.09 -2.96 -5.53
CA ARG A 420 15.64 -2.71 -6.87
C ARG A 420 15.72 -4.05 -7.70
N LYS A 421 15.75 -5.29 -7.11
CA LYS A 421 15.96 -6.50 -7.82
C LYS A 421 15.25 -7.69 -7.24
N MET A 422 14.98 -8.69 -8.09
CA MET A 422 14.15 -9.76 -7.54
C MET A 422 14.79 -10.43 -6.37
N GLY A 423 13.86 -10.87 -5.52
CA GLY A 423 14.25 -11.66 -4.30
C GLY A 423 15.23 -10.92 -3.34
N GLU A 424 15.43 -9.60 -3.37
CA GLU A 424 16.19 -8.81 -2.46
C GLU A 424 15.35 -8.00 -1.53
N ASP A 425 15.93 -7.67 -0.38
CA ASP A 425 15.28 -6.81 0.75
C ASP A 425 13.93 -7.25 1.20
N MET A 426 13.87 -8.53 1.31
CA MET A 426 12.62 -9.28 1.57
C MET A 426 12.51 -9.61 3.09
N HIS A 427 11.97 -8.79 3.95
CA HIS A 427 11.63 -9.25 5.28
C HIS A 427 11.47 -10.72 5.54
N THR A 428 11.51 -11.06 6.84
CA THR A 428 11.14 -12.45 7.29
C THR A 428 9.83 -12.59 7.69
N ILE A 429 8.96 -13.36 6.96
CA ILE A 429 7.65 -13.43 7.25
C ILE A 429 7.10 -14.83 7.45
N GLY A 430 5.84 -14.95 7.90
CA GLY A 430 5.39 -16.12 8.51
C GLY A 430 3.94 -15.95 9.02
N PHE A 431 3.25 -16.99 9.46
CA PHE A 431 1.95 -16.83 10.13
C PHE A 431 1.70 -17.95 11.15
N GLY A 432 0.60 -17.89 11.94
CA GLY A 432 0.24 -18.90 12.89
C GLY A 432 -1.14 -19.28 12.49
N ILE A 433 -1.59 -20.48 12.72
CA ILE A 433 -2.98 -20.76 12.61
C ILE A 433 -3.35 -21.22 14.07
N TYR A 434 -4.60 -20.97 14.48
CA TYR A 434 -5.16 -21.21 15.77
C TYR A 434 -6.64 -21.67 15.60
N GLU A 435 -7.15 -22.66 16.47
CA GLU A 435 -8.50 -23.20 16.44
C GLU A 435 -9.34 -22.37 17.33
N VAL A 436 -10.62 -22.22 17.02
CA VAL A 436 -11.57 -21.63 17.93
C VAL A 436 -12.13 -22.79 18.89
N SER A 449 -14.84 -8.41 16.78
CA SER A 449 -13.80 -8.22 17.74
C SER A 449 -12.35 -8.68 17.47
N LYS A 450 -11.37 -7.87 17.85
CA LYS A 450 -9.94 -8.20 17.65
C LYS A 450 -9.53 -9.05 18.79
N ASN A 451 -9.01 -10.24 18.57
CA ASN A 451 -8.50 -10.97 19.72
C ASN A 451 -7.38 -10.36 20.53
N PHE A 452 -7.48 -10.54 21.88
CA PHE A 452 -6.48 -10.09 22.88
C PHE A 452 -5.37 -11.03 22.98
N PHE A 453 -4.29 -10.69 23.77
CA PHE A 453 -3.21 -11.62 24.30
C PHE A 453 -3.47 -13.05 24.61
N LEU A 454 -4.62 -13.39 25.30
CA LEU A 454 -5.07 -14.88 25.27
C LEU A 454 -5.40 -15.45 23.85
N THR A 455 -4.36 -15.77 23.05
CA THR A 455 -4.68 -16.29 21.67
C THR A 455 -4.74 -17.76 22.09
N GLU A 460 -0.99 -24.30 15.70
CA GLU A 460 -1.51 -25.49 15.05
C GLU A 460 -0.63 -25.76 13.86
N ARG A 461 0.60 -25.25 13.96
CA ARG A 461 1.66 -25.38 12.91
C ARG A 461 2.58 -24.20 12.91
N SER A 462 2.01 -22.98 12.71
CA SER A 462 2.82 -21.66 12.67
C SER A 462 4.28 -21.73 11.99
N ASP A 463 5.27 -21.21 12.72
CA ASP A 463 6.74 -21.51 12.47
C ASP A 463 7.12 -21.32 11.02
N THR A 464 8.34 -21.74 10.64
CA THR A 464 8.62 -21.62 9.23
C THR A 464 8.24 -20.09 8.76
N PHE A 465 9.19 -19.29 9.10
CA PHE A 465 9.04 -17.98 8.99
C PHE A 465 10.21 -17.83 8.13
N ILE A 466 10.06 -17.67 6.80
CA ILE A 466 11.22 -17.66 5.92
C ILE A 466 11.45 -16.30 5.56
N ASN A 467 12.59 -15.93 4.99
CA ASN A 467 12.60 -14.58 4.37
C ASN A 467 12.59 -14.63 2.84
N LEU A 468 11.49 -15.20 2.29
CA LEU A 468 11.12 -15.10 0.92
C LEU A 468 10.00 -14.13 0.61
N ARG A 469 9.77 -13.83 -0.69
CA ARG A 469 8.58 -13.13 -0.97
C ARG A 469 7.32 -13.64 -0.73
N GLU A 470 7.25 -14.93 -0.77
CA GLU A 470 6.03 -15.69 -0.29
C GLU A 470 6.33 -16.93 0.59
N VAL A 471 5.54 -17.17 1.65
CA VAL A 471 5.80 -18.20 2.56
C VAL A 471 4.58 -18.92 2.43
N LEU A 472 4.68 -20.21 2.56
CA LEU A 472 3.51 -21.00 2.27
C LEU A 472 3.61 -22.35 3.11
N ASN A 473 2.49 -22.96 3.41
CA ASN A 473 2.47 -24.11 4.20
C ASN A 473 1.30 -24.80 3.71
N ARG A 474 1.35 -26.15 3.52
CA ARG A 474 0.17 -26.97 3.15
C ARG A 474 -0.37 -27.62 4.40
N PHE A 475 -1.62 -27.52 4.63
CA PHE A 475 -2.25 -28.14 5.76
C PHE A 475 -3.36 -29.25 5.38
N LYS A 476 -3.71 -30.07 6.39
CA LYS A 476 -5.00 -30.83 6.34
C LYS A 476 -5.47 -30.97 7.71
N LEU A 477 -6.54 -30.31 8.05
CA LEU A 477 -7.04 -30.14 9.43
C LEU A 477 -8.52 -30.28 9.50
N PRO A 478 -8.98 -30.59 10.71
CA PRO A 478 -10.40 -30.97 10.82
C PRO A 478 -11.16 -29.77 10.34
N PRO A 479 -12.34 -29.97 9.84
CA PRO A 479 -13.30 -28.91 9.69
C PRO A 479 -13.53 -28.10 10.97
N GLY A 480 -13.88 -26.86 10.69
CA GLY A 480 -14.06 -25.85 11.69
C GLY A 480 -13.40 -24.46 11.43
N GLU A 481 -13.23 -23.70 12.50
CA GLU A 481 -12.89 -22.40 12.29
C GLU A 481 -11.48 -22.28 12.67
N TYR A 482 -10.70 -21.59 11.85
CA TYR A 482 -9.31 -21.28 12.34
C TYR A 482 -8.97 -19.76 12.23
N VAL A 483 -8.13 -19.30 13.04
CA VAL A 483 -7.60 -17.95 12.88
C VAL A 483 -6.16 -17.80 12.34
N LEU A 484 -6.03 -17.12 11.20
CA LEU A 484 -4.70 -16.94 10.68
C LEU A 484 -4.16 -15.53 11.11
N VAL A 485 -2.93 -15.47 11.64
CA VAL A 485 -2.23 -14.24 12.00
C VAL A 485 -0.89 -14.11 11.30
N PRO A 486 -0.78 -13.24 10.33
CA PRO A 486 0.39 -13.18 9.54
C PRO A 486 1.16 -12.10 10.16
N SER A 487 2.46 -12.26 10.06
CA SER A 487 3.44 -11.34 10.48
C SER A 487 4.75 -11.49 9.96
N THR A 488 5.48 -10.52 10.35
CA THR A 488 6.89 -10.46 10.12
C THR A 488 7.40 -11.23 11.36
N PHE A 489 8.71 -11.62 11.37
CA PHE A 489 9.29 -12.33 12.52
C PHE A 489 9.51 -11.40 13.78
N GLU A 490 10.28 -10.32 13.54
CA GLU A 490 10.40 -9.30 14.63
C GLU A 490 9.33 -8.22 14.41
N PRO A 491 8.82 -7.61 15.44
CA PRO A 491 7.89 -6.51 15.29
C PRO A 491 8.55 -5.30 14.91
N HIS A 492 7.80 -4.42 14.44
CA HIS A 492 8.23 -3.10 14.02
C HIS A 492 8.64 -2.86 12.60
N LYS A 493 8.19 -3.71 11.71
CA LYS A 493 8.62 -3.49 10.35
C LYS A 493 7.30 -3.22 9.50
N ASN A 494 7.32 -2.12 8.83
CA ASN A 494 6.35 -1.82 7.81
C ASN A 494 6.36 -2.66 6.61
N GLY A 495 5.15 -3.09 6.18
CA GLY A 495 4.92 -3.92 4.95
C GLY A 495 3.56 -4.12 4.56
N ASP A 496 3.26 -4.50 3.30
CA ASP A 496 1.93 -4.93 2.88
C ASP A 496 2.05 -6.28 2.45
N PHE A 497 0.87 -6.97 2.37
CA PHE A 497 0.78 -8.39 2.02
C PHE A 497 -0.61 -8.76 1.65
N CYS A 498 -0.69 -9.89 1.03
CA CYS A 498 -1.78 -10.58 0.44
C CYS A 498 -1.70 -12.07 0.90
N ILE A 499 -2.84 -12.57 1.34
CA ILE A 499 -2.86 -13.96 1.76
C ILE A 499 -3.84 -14.61 0.90
N ARG A 500 -3.45 -15.64 0.29
CA ARG A 500 -4.44 -16.36 -0.52
C ARG A 500 -4.64 -17.66 0.03
N VAL A 501 -5.76 -18.13 -0.07
CA VAL A 501 -5.96 -19.54 0.35
C VAL A 501 -6.61 -20.39 -0.71
N PHE A 502 -6.01 -21.48 -1.03
CA PHE A 502 -6.54 -22.36 -2.07
C PHE A 502 -6.92 -23.59 -1.25
N SER A 503 -7.98 -24.17 -1.55
CA SER A 503 -8.42 -25.30 -0.77
C SER A 503 -9.29 -26.28 -1.73
N GLU A 504 -9.19 -27.56 -1.44
CA GLU A 504 -10.13 -28.64 -1.98
C GLU A 504 -11.56 -28.30 -2.12
N LYS A 505 -12.15 -28.01 -0.97
CA LYS A 505 -13.57 -27.63 -0.93
C LYS A 505 -13.78 -26.13 -0.58
N LYS A 506 -14.96 -25.54 -0.74
CA LYS A 506 -15.33 -24.22 -0.31
C LYS A 506 -14.94 -23.96 1.10
N ALA A 507 -14.14 -22.98 1.21
CA ALA A 507 -13.76 -22.47 2.49
C ALA A 507 -14.24 -21.06 2.55
N ASP A 508 -14.26 -20.58 3.76
CA ASP A 508 -14.81 -19.28 4.01
C ASP A 508 -13.76 -18.46 4.60
N TYR A 509 -13.86 -17.17 4.38
CA TYR A 509 -12.87 -16.25 4.91
C TYR A 509 -13.62 -15.11 5.48
N GLN A 510 -13.16 -14.51 6.54
CA GLN A 510 -13.77 -13.33 7.07
C GLN A 510 -12.64 -12.73 7.80
N THR A 511 -12.67 -11.45 7.89
CA THR A 511 -11.82 -10.61 8.63
C THR A 511 -12.14 -10.64 10.14
N VAL A 512 -11.23 -10.69 11.08
CA VAL A 512 -11.60 -10.48 12.44
C VAL A 512 -10.82 -9.37 13.05
N ASP A 513 -11.55 -8.37 13.40
CA ASP A 513 -11.08 -7.11 14.05
C ASP A 513 -12.13 -6.38 14.75
N ASP A 514 -11.86 -5.25 15.41
CA ASP A 514 -12.94 -4.50 16.10
C ASP A 514 -13.68 -3.73 15.01
N GLU A 515 -15.00 -3.82 15.11
CA GLU A 515 -16.05 -3.11 14.34
C GLU A 515 -15.79 -1.54 14.85
N ILE A 516 -16.07 -0.51 14.09
CA ILE A 516 -15.95 0.89 14.54
C ILE A 516 -17.16 1.32 15.33
N GLU A 517 -16.79 1.96 16.45
CA GLU A 517 -17.69 2.17 17.62
C GLU A 517 -17.18 3.35 18.46
N ALA A 518 -18.02 4.34 18.56
CA ALA A 518 -17.75 5.56 19.49
C ALA A 518 -18.71 5.59 20.65
N ASN A 519 -18.47 4.99 21.74
CA ASN A 519 -19.44 5.06 22.75
C ASN A 519 -18.98 6.07 23.82
N ILE A 520 -19.37 7.27 23.80
CA ILE A 520 -18.77 8.20 24.68
C ILE A 520 -19.84 8.65 25.69
N GLU A 521 -19.26 8.53 26.82
CA GLU A 521 -20.26 8.81 27.84
C GLU A 521 -20.74 10.25 27.75
N GLU A 522 -22.37 10.41 27.60
CA GLU A 522 -22.91 11.75 27.48
C GLU A 522 -23.03 12.42 28.85
N ILE A 523 -21.57 13.01 29.06
CA ILE A 523 -21.69 13.78 30.29
C ILE A 523 -22.24 15.18 29.99
N ALA A 525 -24.38 15.25 31.25
CA ALA A 525 -23.98 16.36 32.15
C ALA A 525 -25.14 17.32 32.37
N ASN A 526 -24.33 18.36 32.14
CA ASN A 526 -23.82 19.55 32.79
C ASN A 526 -24.70 19.75 34.13
N GLU A 527 -26.09 19.54 34.32
CA GLU A 527 -27.21 19.66 35.24
C GLU A 527 -26.97 20.79 36.24
N GLU A 528 -27.62 20.93 37.02
CA GLU A 528 -27.69 22.18 37.74
C GLU A 528 -26.38 21.94 38.57
N ASP A 529 -26.37 22.05 39.87
CA ASP A 529 -25.10 22.16 40.65
C ASP A 529 -24.08 23.23 40.00
N ILE A 530 -23.02 22.61 39.40
CA ILE A 530 -21.68 23.09 38.83
C ILE A 530 -20.66 23.82 39.85
N GLY A 531 -19.57 23.16 40.25
CA GLY A 531 -18.70 23.67 41.34
C GLY A 531 -19.06 25.15 41.51
N ASP A 532 -19.40 25.58 42.70
CA ASP A 532 -19.54 27.05 42.90
C ASP A 532 -18.17 27.74 42.57
N GLY A 533 -17.09 26.92 42.70
CA GLY A 533 -15.70 27.29 42.44
C GLY A 533 -15.41 27.34 40.98
N PHE A 534 -16.10 26.43 40.34
CA PHE A 534 -16.12 26.41 38.89
C PHE A 534 -16.57 27.78 38.54
N ARG A 535 -17.88 27.99 38.71
CA ARG A 535 -18.53 29.23 38.40
C ARG A 535 -17.55 30.41 38.58
N ARG A 536 -17.21 30.78 39.83
CA ARG A 536 -16.43 32.05 39.93
C ARG A 536 -15.22 32.02 38.88
N LEU A 537 -14.52 30.91 39.01
CA LEU A 537 -13.39 30.57 38.18
C LEU A 537 -13.45 30.89 36.69
N PHE A 538 -14.46 30.41 35.98
CA PHE A 538 -14.61 30.87 34.63
C PHE A 538 -14.96 32.42 34.34
N ALA A 539 -15.67 33.07 35.25
CA ALA A 539 -16.15 34.49 35.14
C ALA A 539 -14.87 35.41 35.29
N GLN A 540 -14.20 35.05 36.37
CA GLN A 540 -12.93 35.61 36.69
C GLN A 540 -11.89 35.27 35.69
N LEU A 541 -12.18 34.27 34.87
CA LEU A 541 -11.38 33.99 33.66
C LEU A 541 -11.87 34.52 32.32
N ALA A 542 -13.19 34.55 32.09
CA ALA A 542 -13.82 34.96 30.77
C ALA A 542 -13.48 36.33 30.33
N GLY A 543 -13.55 37.18 31.39
CA GLY A 543 -13.27 38.58 31.43
C GLY A 543 -14.60 39.14 31.01
N GLU A 544 -14.50 40.25 30.24
CA GLU A 544 -15.62 41.18 29.91
C GLU A 544 -16.90 40.59 29.18
N ASP A 545 -16.71 39.45 28.50
CA ASP A 545 -17.76 38.73 27.68
C ASP A 545 -18.39 37.43 28.35
N ALA A 546 -17.69 36.84 29.37
CA ALA A 546 -18.17 35.65 30.10
C ALA A 546 -18.02 34.48 29.18
N GLU A 547 -17.01 34.59 28.31
CA GLU A 547 -16.72 33.54 27.30
C GLU A 547 -15.15 33.30 27.14
N ILE A 548 -14.59 32.11 27.06
CA ILE A 548 -13.16 32.10 26.70
C ILE A 548 -12.80 31.66 25.40
N SER A 549 -11.83 32.32 24.85
CA SER A 549 -11.44 31.97 23.46
C SER A 549 -10.52 30.75 23.42
N ALA A 550 -10.22 30.22 22.21
CA ALA A 550 -9.16 29.18 22.15
C ALA A 550 -7.85 29.74 22.78
N PHE A 551 -7.65 31.05 22.68
CA PHE A 551 -6.45 31.70 23.26
C PHE A 551 -6.48 31.87 24.84
N GLU A 552 -7.44 32.63 25.32
CA GLU A 552 -7.74 32.72 26.77
C GLU A 552 -7.53 31.30 27.29
N LEU A 553 -8.30 30.39 26.68
CA LEU A 553 -8.24 28.92 26.97
C LEU A 553 -6.80 28.30 26.89
N GLN A 554 -6.16 28.64 25.80
CA GLN A 554 -4.78 28.25 25.57
C GLN A 554 -4.02 28.39 26.82
N THR A 555 -3.85 29.65 27.30
CA THR A 555 -2.86 29.89 28.39
C THR A 555 -3.24 29.22 29.77
N ILE A 556 -4.54 29.39 30.06
CA ILE A 556 -5.04 28.72 31.24
C ILE A 556 -4.60 27.26 31.24
N LEU A 557 -4.83 26.55 30.18
CA LEU A 557 -4.63 25.15 30.34
C LEU A 557 -3.18 24.94 30.54
N ARG A 558 -2.38 25.71 29.75
CA ARG A 558 -0.93 25.69 29.97
C ARG A 558 -0.62 25.77 31.48
N ARG A 559 -1.34 26.58 32.29
CA ARG A 559 -1.27 26.61 33.84
C ARG A 559 -1.62 25.37 34.80
N VAL A 560 -2.66 24.59 34.43
CA VAL A 560 -3.12 23.42 35.23
C VAL A 560 -2.25 22.21 34.81
N LEU A 561 -1.52 22.51 33.72
CA LEU A 561 -0.71 21.58 32.94
C LEU A 561 0.80 21.46 33.41
N ALA A 562 1.62 22.44 33.01
CA ALA A 562 3.02 22.43 33.34
C ALA A 562 3.03 22.06 34.86
N LYS A 563 1.94 22.58 35.56
CA LYS A 563 1.77 22.43 37.02
C LYS A 563 0.50 21.70 37.44
N LYS A 568 2.37 18.09 34.08
CA LYS A 568 2.89 16.79 33.61
C LYS A 568 3.58 17.16 32.30
N SER A 569 2.88 18.08 31.65
CA SER A 569 3.15 18.47 30.26
C SER A 569 3.44 20.02 30.14
N ASP A 570 3.93 20.42 28.92
CA ASP A 570 4.29 21.85 28.61
C ASP A 570 3.14 22.56 27.81
N GLY A 571 1.85 22.42 28.28
CA GLY A 571 0.64 22.96 27.58
C GLY A 571 0.01 22.29 26.27
N PHE A 572 -1.33 22.29 26.15
CA PHE A 572 -1.92 22.10 24.87
C PHE A 572 -1.39 23.17 23.98
N SER A 573 -0.86 22.65 22.92
CA SER A 573 -0.62 23.36 21.69
C SER A 573 -1.83 24.19 21.30
N ILE A 574 -1.59 25.02 20.33
CA ILE A 574 -2.56 25.92 20.12
C ILE A 574 -3.63 25.33 19.22
N GLU A 575 -3.21 24.33 18.37
CA GLU A 575 -4.14 23.68 17.38
C GLU A 575 -5.12 22.91 18.16
N THR A 576 -4.62 22.07 19.06
CA THR A 576 -5.46 21.29 19.92
C THR A 576 -6.74 22.04 20.54
N CYS A 577 -6.45 23.06 21.37
CA CYS A 577 -7.23 24.31 21.84
C CYS A 577 -8.19 24.71 20.96
N LYS A 578 -7.74 25.02 19.83
CA LYS A 578 -8.79 25.25 18.77
C LYS A 578 -9.82 24.10 18.53
N ILE A 579 -9.31 22.83 18.39
CA ILE A 579 -10.30 21.76 18.11
C ILE A 579 -11.22 21.51 19.30
N MET A 580 -10.62 21.58 20.46
CA MET A 580 -11.37 21.69 21.69
C MET A 580 -12.58 22.59 21.64
N VAL A 581 -12.33 23.82 21.19
CA VAL A 581 -13.35 24.83 21.01
C VAL A 581 -14.38 24.46 19.92
N ASP A 582 -13.92 24.25 18.65
CA ASP A 582 -14.75 23.51 17.57
C ASP A 582 -15.63 22.44 18.12
N MET A 583 -15.18 21.59 19.03
CA MET A 583 -16.10 20.55 19.46
C MET A 583 -17.39 20.93 20.29
N LEU A 584 -17.17 21.94 21.16
CA LEU A 584 -18.00 22.37 22.22
C LEU A 584 -18.52 23.74 21.97
N ASP A 585 -18.11 24.45 20.93
CA ASP A 585 -18.68 25.81 20.66
C ASP A 585 -20.19 25.75 20.62
N GLU A 586 -20.91 25.78 19.50
CA GLU A 586 -22.38 25.54 19.50
C GLU A 586 -23.13 26.73 19.72
N ASP A 587 -22.70 27.52 20.70
CA ASP A 587 -23.01 28.96 20.58
C ASP A 587 -22.76 29.47 19.06
N GLY A 588 -22.03 28.77 18.22
CA GLY A 588 -21.47 29.37 17.05
C GLY A 588 -20.82 30.76 17.15
N SER A 589 -19.64 30.83 17.80
CA SER A 589 -18.97 32.13 18.01
C SER A 589 -17.48 32.08 18.20
N GLY A 590 -16.91 30.88 18.40
CA GLY A 590 -15.45 30.62 18.52
C GLY A 590 -14.89 30.63 19.94
N LYS A 591 -15.88 30.71 20.85
CA LYS A 591 -15.69 30.95 22.28
C LYS A 591 -16.65 30.02 23.09
N LEU A 592 -16.19 29.84 24.31
CA LEU A 592 -16.61 28.79 25.14
C LEU A 592 -17.50 29.38 26.25
N GLY A 593 -18.73 28.96 26.37
CA GLY A 593 -19.48 29.51 27.43
C GLY A 593 -19.08 28.84 28.72
N LEU A 594 -19.35 29.48 29.82
CA LEU A 594 -19.41 28.71 31.09
C LEU A 594 -19.80 27.22 30.99
N LYS A 595 -21.02 26.89 30.51
CA LYS A 595 -21.42 25.46 30.52
C LYS A 595 -20.42 24.59 29.69
N GLU A 596 -19.99 25.15 28.60
CA GLU A 596 -19.27 24.31 27.62
C GLU A 596 -17.81 24.08 28.17
N PHE A 597 -17.28 25.09 28.94
CA PHE A 597 -15.94 25.08 29.39
C PHE A 597 -15.98 24.15 30.51
N TYR A 598 -17.12 23.81 31.12
CA TYR A 598 -17.15 22.67 32.17
C TYR A 598 -17.16 21.30 31.59
N ILE A 599 -17.50 21.18 30.30
CA ILE A 599 -17.54 19.85 29.63
C ILE A 599 -16.16 19.58 29.18
N LEU A 600 -15.66 20.59 28.59
CA LEU A 600 -14.33 20.44 28.24
C LEU A 600 -13.54 20.02 29.41
N TRP A 601 -13.75 20.65 30.51
CA TRP A 601 -12.85 20.42 31.60
C TRP A 601 -13.03 18.96 32.13
N THR A 602 -14.27 18.54 32.24
CA THR A 602 -14.47 17.14 32.66
C THR A 602 -13.83 16.09 31.67
N LYS A 603 -14.00 16.29 30.39
CA LYS A 603 -13.38 15.45 29.32
C LYS A 603 -11.98 15.61 29.54
N ILE A 604 -11.47 16.81 29.55
CA ILE A 604 -10.00 16.78 29.81
C ILE A 604 -9.62 15.89 31.00
N GLN A 605 -10.41 15.87 32.06
CA GLN A 605 -9.94 15.24 33.29
C GLN A 605 -10.06 13.88 33.06
N LYS A 606 -11.18 13.45 32.56
CA LYS A 606 -11.26 12.07 31.98
C LYS A 606 -9.90 11.68 31.09
N TYR A 607 -9.42 12.48 30.15
CA TYR A 607 -8.25 12.15 29.38
C TYR A 607 -6.99 11.98 30.11
N GLN A 608 -6.95 12.50 31.31
CA GLN A 608 -5.76 12.48 32.11
C GLN A 608 -5.85 11.30 32.90
N LYS A 609 -6.96 10.81 33.27
CA LYS A 609 -7.07 9.65 34.08
C LYS A 609 -6.45 8.50 33.26
N ILE A 610 -7.16 8.23 32.10
CA ILE A 610 -6.88 7.22 31.03
C ILE A 610 -5.46 7.38 30.73
N TYR A 611 -5.14 8.63 30.36
CA TYR A 611 -3.67 8.66 30.07
C TYR A 611 -2.66 8.20 31.28
N ARG A 612 -3.26 8.22 32.47
CA ARG A 612 -2.53 8.10 33.69
C ARG A 612 -2.10 6.58 33.76
N GLU A 613 -3.11 5.73 33.71
CA GLU A 613 -3.05 4.25 33.79
C GLU A 613 -2.26 3.66 32.67
N ILE A 614 -2.29 4.24 31.46
CA ILE A 614 -1.67 3.66 30.36
C ILE A 614 -0.28 3.91 30.61
N ASP A 615 0.03 4.97 31.28
CA ASP A 615 1.44 5.29 31.59
C ASP A 615 1.87 4.50 32.82
N VAL A 616 1.60 3.22 32.71
CA VAL A 616 2.03 2.27 33.69
C VAL A 616 3.42 2.79 34.17
N ASP A 617 4.45 2.65 33.29
CA ASP A 617 5.85 3.01 33.53
C ASP A 617 6.19 4.40 34.21
N ARG A 618 5.12 5.27 34.33
CA ARG A 618 5.11 6.68 34.85
C ARG A 618 6.30 7.34 34.30
N SER A 619 6.42 7.23 32.96
CA SER A 619 7.37 8.03 32.13
C SER A 619 7.13 9.51 31.52
N GLY A 620 6.13 10.25 31.96
CA GLY A 620 5.50 11.29 31.17
C GLY A 620 4.95 10.96 29.77
N THR A 621 4.87 9.69 29.34
CA THR A 621 4.52 9.40 27.92
C THR A 621 4.02 7.97 27.70
N MET A 622 3.40 7.88 26.52
CA MET A 622 2.68 6.75 26.11
C MET A 622 3.30 6.16 24.83
N ASN A 623 3.41 4.85 24.80
CA ASN A 623 3.93 4.31 23.58
C ASN A 623 2.72 4.13 22.54
N SER A 624 2.96 4.27 21.23
CA SER A 624 1.99 4.03 20.04
C SER A 624 1.19 2.79 20.25
N TYR A 625 1.90 1.71 20.63
CA TYR A 625 1.33 0.42 20.74
C TYR A 625 0.21 0.31 21.70
N GLU A 626 0.13 1.33 22.62
CA GLU A 626 -0.89 1.40 23.66
C GLU A 626 -2.18 2.17 23.31
N MET A 627 -2.23 2.85 22.20
CA MET A 627 -3.42 3.54 21.86
C MET A 627 -4.57 2.78 21.80
N ARG A 628 -4.42 1.58 21.21
CA ARG A 628 -5.61 0.64 21.13
C ARG A 628 -6.29 0.62 22.45
N LYS A 629 -5.51 0.47 23.46
CA LYS A 629 -6.12 0.24 24.61
C LYS A 629 -6.62 1.57 25.08
N ALA A 630 -5.72 2.53 25.13
CA ALA A 630 -6.25 3.80 25.47
C ALA A 630 -7.55 4.26 24.91
N LEU A 631 -7.69 4.08 23.58
CA LEU A 631 -8.76 4.52 22.87
C LEU A 631 -10.03 3.81 23.41
N GLU A 632 -9.93 2.52 23.65
CA GLU A 632 -11.08 1.71 24.15
C GLU A 632 -11.47 2.37 25.45
N GLU A 633 -10.57 2.59 26.41
CA GLU A 633 -11.12 3.18 27.64
C GLU A 633 -11.86 4.54 27.27
N ALA A 634 -11.47 5.20 26.13
CA ALA A 634 -12.09 6.44 25.96
C ALA A 634 -13.26 6.28 25.22
N GLY A 635 -13.62 5.05 24.92
CA GLY A 635 -15.09 4.81 24.50
C GLY A 635 -15.00 4.53 22.97
N PHE A 636 -13.78 4.27 22.44
CA PHE A 636 -13.70 4.00 21.00
C PHE A 636 -13.06 2.60 20.65
N LYS A 637 -13.62 2.09 19.62
CA LYS A 637 -13.15 0.84 19.03
C LYS A 637 -13.00 1.05 17.48
N LEU A 638 -11.83 0.83 16.92
CA LEU A 638 -11.56 0.93 15.51
C LEU A 638 -10.93 -0.29 14.97
N PRO A 639 -10.99 -0.40 13.65
CA PRO A 639 -10.26 -1.45 12.88
C PRO A 639 -8.88 -1.17 12.68
N CYS A 640 -8.13 -2.23 12.49
CA CYS A 640 -6.60 -2.07 12.39
C CYS A 640 -6.04 -0.79 11.42
N GLN A 641 -6.76 -0.50 10.31
CA GLN A 641 -6.30 0.49 9.37
C GLN A 641 -6.56 1.86 10.08
N LEU A 642 -7.66 2.00 10.81
CA LEU A 642 -7.76 3.28 11.46
C LEU A 642 -6.80 3.50 12.54
N HIS A 643 -6.38 2.32 13.06
CA HIS A 643 -5.36 2.38 14.11
C HIS A 643 -4.00 2.78 13.54
N GLN A 644 -3.74 2.27 12.34
CA GLN A 644 -2.53 2.70 11.73
C GLN A 644 -2.50 4.31 11.41
N VAL A 645 -3.69 4.84 11.06
CA VAL A 645 -3.75 6.16 10.67
C VAL A 645 -3.50 7.07 11.96
N ILE A 646 -4.10 6.70 13.09
CA ILE A 646 -3.86 7.43 14.31
C ILE A 646 -2.39 7.47 14.69
N VAL A 647 -1.62 6.36 14.70
CA VAL A 647 -0.26 6.34 15.18
C VAL A 647 0.54 7.01 14.13
N ALA A 648 0.37 6.78 12.90
CA ALA A 648 1.09 7.57 11.90
C ALA A 648 0.85 9.09 11.93
N ARG A 649 -0.42 9.53 12.18
CA ARG A 649 -0.63 10.91 12.29
C ARG A 649 -0.28 11.57 13.70
N PHE A 650 -0.45 10.81 14.78
CA PHE A 650 -0.38 11.34 16.19
C PHE A 650 0.85 10.86 16.93
N ALA A 651 1.80 10.25 16.27
CA ALA A 651 2.99 9.85 17.12
C ALA A 651 4.20 10.28 16.52
N ASP A 652 5.22 10.34 17.36
CA ASP A 652 6.50 10.88 16.80
C ASP A 652 7.37 9.81 16.46
N ASP A 653 8.50 10.03 15.88
CA ASP A 653 9.35 8.87 15.50
C ASP A 653 9.56 8.22 16.76
N GLU A 654 10.08 7.08 16.86
CA GLU A 654 10.03 6.53 18.30
C GLU A 654 8.67 6.14 18.95
N LEU A 655 7.54 6.36 18.26
CA LEU A 655 6.27 5.74 18.53
C LEU A 655 5.82 6.31 19.80
N ILE A 656 6.09 7.58 20.00
CA ILE A 656 5.55 8.13 21.21
C ILE A 656 4.45 9.16 20.87
N ILE A 657 3.46 9.21 21.68
CA ILE A 657 2.42 10.17 21.56
C ILE A 657 2.39 11.00 22.82
N ASP A 658 2.77 12.29 22.69
CA ASP A 658 2.71 13.19 23.87
C ASP A 658 1.20 13.30 24.32
N PHE A 659 0.99 13.67 25.58
CA PHE A 659 -0.32 14.07 26.06
C PHE A 659 -1.00 15.10 25.25
N ASP A 660 -0.29 15.94 24.60
CA ASP A 660 -1.10 16.95 23.79
C ASP A 660 -1.76 16.32 22.52
N ASN A 661 -1.02 15.81 21.60
CA ASN A 661 -1.47 14.72 20.61
C ASN A 661 -2.47 13.73 20.94
N PHE A 662 -2.33 13.13 22.03
CA PHE A 662 -3.29 12.21 22.46
C PHE A 662 -4.67 12.86 22.53
N VAL A 663 -4.87 13.93 23.21
CA VAL A 663 -6.19 14.44 23.35
C VAL A 663 -6.64 15.05 22.16
N ARG A 664 -5.78 15.70 21.48
CA ARG A 664 -6.11 16.30 20.20
C ARG A 664 -6.74 15.23 19.32
N CYS A 665 -6.14 14.06 19.30
CA CYS A 665 -6.66 12.87 18.57
C CYS A 665 -8.01 12.46 18.97
N LEU A 666 -8.16 12.24 20.21
CA LEU A 666 -9.41 11.94 20.72
C LEU A 666 -10.37 12.97 20.60
N VAL A 667 -10.09 14.22 20.75
CA VAL A 667 -11.13 15.22 20.35
C VAL A 667 -11.58 15.18 18.94
N ARG A 668 -10.64 15.31 17.95
CA ARG A 668 -11.11 15.23 16.47
C ARG A 668 -11.89 14.02 16.26
N LEU A 669 -11.39 12.85 16.70
CA LEU A 669 -12.20 11.61 16.55
C LEU A 669 -13.63 11.69 17.10
N GLU A 670 -13.85 12.40 18.25
CA GLU A 670 -15.24 12.65 18.74
C GLU A 670 -15.95 13.55 17.82
N ILE A 671 -15.27 14.47 17.24
CA ILE A 671 -16.04 15.45 16.46
C ILE A 671 -16.41 14.71 15.23
N LEU A 672 -15.38 14.06 14.66
CA LEU A 672 -15.54 13.41 13.27
C LEU A 672 -16.73 12.35 13.27
N PHE A 673 -16.92 11.67 14.45
CA PHE A 673 -18.06 10.75 14.59
C PHE A 673 -19.29 11.51 14.72
N LYS A 674 -19.30 12.63 15.45
CA LYS A 674 -20.54 13.34 15.63
C LYS A 674 -21.01 13.74 14.37
N ILE A 675 -20.10 14.38 13.60
CA ILE A 675 -20.68 15.03 12.40
C ILE A 675 -21.43 13.99 11.57
N PHE A 676 -20.79 12.84 11.40
CA PHE A 676 -21.34 11.71 10.72
C PHE A 676 -22.63 11.30 11.28
N LYS A 677 -22.82 10.93 12.51
CA LYS A 677 -24.14 10.37 12.93
C LYS A 677 -25.33 11.34 12.76
N GLN A 678 -24.97 12.60 12.81
CA GLN A 678 -25.84 13.63 12.57
C GLN A 678 -26.23 13.86 11.11
N LEU A 679 -25.27 13.89 10.19
CA LEU A 679 -25.58 13.78 8.80
C LEU A 679 -26.09 12.38 8.50
N ASP A 680 -26.08 11.49 9.46
CA ASP A 680 -26.53 10.13 9.05
C ASP A 680 -27.58 9.53 9.97
N PRO A 681 -28.50 10.33 10.41
CA PRO A 681 -29.53 10.00 11.37
C PRO A 681 -30.23 8.85 11.15
N GLU A 682 -30.71 8.47 10.01
CA GLU A 682 -31.13 7.03 9.80
C GLU A 682 -30.10 5.96 9.77
N ASN A 683 -28.83 6.19 10.12
CA ASN A 683 -27.83 5.12 10.02
C ASN A 683 -27.73 4.24 8.71
N THR A 684 -27.75 4.92 7.53
CA THR A 684 -27.45 4.16 6.24
C THR A 684 -26.07 3.47 6.22
N GLY A 685 -25.15 4.06 7.06
CA GLY A 685 -23.78 3.69 6.91
C GLY A 685 -22.94 4.52 5.96
N THR A 686 -23.48 5.55 5.40
CA THR A 686 -22.82 6.46 4.62
C THR A 686 -23.40 7.84 4.54
N ILE A 687 -22.60 8.92 4.48
CA ILE A 687 -23.01 10.26 4.29
C ILE A 687 -22.59 10.85 2.92
N GLN A 688 -23.25 11.90 2.43
CA GLN A 688 -23.16 12.36 1.04
C GLN A 688 -22.99 13.92 1.23
N LEU A 689 -21.95 14.42 0.49
CA LEU A 689 -21.44 15.65 0.59
C LEU A 689 -20.97 16.27 -0.83
N ASP A 690 -21.20 17.56 -0.86
CA ASP A 690 -21.05 18.28 -2.01
C ASP A 690 -19.88 19.19 -1.64
N LEU A 691 -19.10 19.58 -2.65
CA LEU A 691 -17.81 20.18 -2.46
C LEU A 691 -17.69 21.05 -1.24
N ILE A 692 -18.72 21.79 -1.13
CA ILE A 692 -18.90 22.95 -0.26
C ILE A 692 -19.12 22.45 1.01
N SER A 693 -20.00 21.49 1.15
CA SER A 693 -20.21 20.93 2.47
C SER A 693 -19.10 20.09 2.90
N TRP A 694 -18.41 19.48 1.92
CA TRP A 694 -17.20 18.64 2.20
C TRP A 694 -16.13 19.59 2.80
N LEU A 695 -15.82 20.62 2.02
CA LEU A 695 -14.77 21.60 2.49
C LEU A 695 -15.05 22.18 3.81
N SER A 696 -16.23 22.30 4.18
CA SER A 696 -16.49 22.95 5.42
C SER A 696 -16.26 21.91 6.45
N PHE A 697 -17.06 20.77 6.43
CA PHE A 697 -16.92 19.68 7.51
C PHE A 697 -15.56 19.18 7.71
N SER A 698 -14.91 18.94 6.56
CA SER A 698 -13.63 18.33 6.42
C SER A 698 -12.57 19.21 6.96
N VAL A 699 -12.85 20.48 7.12
CA VAL A 699 -11.80 21.37 7.60
C VAL A 699 -12.31 22.24 8.85
N LEU A 700 -13.27 21.79 9.63
CA LEU A 700 -13.98 22.73 10.43
C LEU A 700 -15.20 22.11 11.14
N ASN B 9 16.75 15.06 -15.37
CA ASN B 9 15.60 15.38 -16.35
C ASN B 9 14.49 16.26 -15.57
N GLU B 10 15.05 16.81 -14.50
CA GLU B 10 14.17 17.56 -13.63
C GLU B 10 14.85 18.84 -13.01
N SER B 11 13.99 19.83 -12.72
CA SER B 11 14.40 21.10 -12.20
C SER B 11 15.59 20.95 -11.21
N GLU B 12 16.74 21.51 -11.61
CA GLU B 12 18.07 21.33 -10.90
C GLU B 12 17.77 21.34 -9.47
N GLU B 13 16.77 22.17 -9.07
CA GLU B 13 16.36 22.19 -7.64
C GLU B 13 16.12 20.80 -6.99
N GLU B 14 15.15 20.14 -7.59
CA GLU B 14 14.53 18.97 -7.06
C GLU B 14 15.64 17.98 -6.83
N ARG B 15 16.56 17.91 -7.83
CA ARG B 15 17.66 16.92 -7.86
C ARG B 15 18.76 17.12 -6.74
N GLN B 16 18.84 18.35 -6.31
CA GLN B 16 19.55 18.66 -5.05
C GLN B 16 18.91 18.20 -3.76
N PHE B 17 17.78 18.76 -3.38
CA PHE B 17 16.98 18.16 -2.31
C PHE B 17 17.26 16.65 -2.25
N ARG B 18 16.72 15.92 -3.30
CA ARG B 18 17.07 14.55 -3.54
C ARG B 18 18.33 13.85 -2.64
N LYS B 19 19.31 14.75 -2.29
CA LYS B 19 20.59 14.51 -1.63
C LYS B 19 20.29 14.40 -0.14
N LEU B 20 19.73 15.52 0.28
CA LEU B 20 19.09 15.56 1.51
C LEU B 20 18.25 14.21 1.63
N PHE B 21 17.66 13.71 0.48
CA PHE B 21 16.83 12.42 0.55
C PHE B 21 17.62 11.22 0.71
N VAL B 22 18.30 10.79 -0.38
CA VAL B 22 19.40 9.78 -0.26
C VAL B 22 20.35 9.95 1.02
N GLN B 23 20.58 11.19 1.51
CA GLN B 23 21.47 11.09 2.64
C GLN B 23 20.63 10.38 3.71
N LEU B 24 19.33 10.76 3.85
CA LEU B 24 18.60 10.52 5.17
C LEU B 24 17.96 9.15 5.31
N ALA B 25 17.65 8.66 4.13
CA ALA B 25 16.83 7.44 3.90
C ALA B 25 17.38 6.34 2.88
N GLY B 26 18.39 6.65 2.08
CA GLY B 26 18.92 5.75 1.08
C GLY B 26 18.04 5.60 -0.14
N ASP B 27 17.77 4.28 -0.43
CA ASP B 27 16.94 3.85 -1.58
C ASP B 27 15.35 3.94 -1.25
N ASP B 28 15.01 3.67 0.02
CA ASP B 28 13.74 4.08 0.55
C ASP B 28 13.24 5.39 0.05
N MET B 29 14.12 6.36 -0.23
CA MET B 29 13.64 7.68 -0.66
C MET B 29 12.34 8.25 0.09
N GLU B 30 12.30 8.36 1.36
CA GLU B 30 11.14 8.88 1.92
C GLU B 30 11.63 9.71 3.05
N VAL B 31 10.78 10.48 3.66
CA VAL B 31 11.32 11.35 4.77
C VAL B 31 10.32 11.47 5.92
N SER B 32 10.79 11.46 7.14
CA SER B 32 9.84 11.54 8.20
C SER B 32 9.19 12.96 8.14
N ALA B 33 8.20 13.28 9.00
CA ALA B 33 7.91 14.69 9.31
C ALA B 33 9.03 15.41 9.70
N THR B 34 9.52 15.13 10.91
CA THR B 34 10.41 16.12 11.59
C THR B 34 11.64 16.31 10.64
N GLU B 35 12.08 15.25 9.98
CA GLU B 35 13.22 15.29 9.03
C GLU B 35 12.83 16.26 7.96
N LEU B 36 11.75 16.01 7.34
CA LEU B 36 11.32 16.95 6.31
C LEU B 36 11.09 18.38 6.77
N MET B 37 10.75 18.51 8.04
CA MET B 37 10.55 19.82 8.62
C MET B 37 11.94 20.60 8.36
N ASN B 38 13.03 19.93 8.68
CA ASN B 38 14.29 20.57 8.64
C ASN B 38 14.58 21.14 7.27
N ILE B 39 14.64 20.22 6.42
CA ILE B 39 14.89 20.52 5.07
C ILE B 39 14.12 21.72 4.58
N LEU B 40 12.86 21.85 4.96
CA LEU B 40 12.10 23.03 4.50
C LEU B 40 12.54 24.40 5.29
N ASN B 41 13.02 24.19 6.53
CA ASN B 41 13.21 25.25 7.46
C ASN B 41 14.66 25.70 7.23
N LYS B 42 14.91 25.94 5.92
CA LYS B 42 16.25 26.03 5.46
C LYS B 42 16.16 26.69 4.23
N VAL B 43 15.49 26.09 3.27
CA VAL B 43 15.29 26.93 2.07
C VAL B 43 14.50 28.30 2.35
N VAL B 44 13.78 28.29 3.43
CA VAL B 44 12.78 29.37 3.56
C VAL B 44 12.82 30.14 4.86
N THR B 45 13.77 29.75 5.69
CA THR B 45 13.83 30.25 7.05
C THR B 45 15.13 31.11 7.22
N ARG B 46 16.11 30.78 6.32
CA ARG B 46 17.36 31.48 6.23
C ARG B 46 16.98 32.85 5.61
N HIS B 47 16.18 32.77 4.54
CA HIS B 47 16.10 33.86 3.57
C HIS B 47 15.29 34.98 4.33
N PRO B 48 15.93 36.19 4.60
CA PRO B 48 15.21 37.39 5.12
C PRO B 48 14.37 38.13 4.07
N ASP B 49 14.44 37.71 2.77
CA ASP B 49 13.45 37.97 1.63
C ASP B 49 11.98 37.56 1.91
N LEU B 50 11.82 36.85 3.05
CA LEU B 50 10.61 36.28 3.70
C LEU B 50 10.71 36.06 5.28
N LYS B 51 9.72 36.57 6.02
CA LYS B 51 9.84 36.58 7.53
C LYS B 51 9.10 35.43 7.95
N THR B 52 9.76 34.60 8.76
CA THR B 52 9.17 33.42 9.37
C THR B 52 10.18 32.63 10.20
N ASP B 53 9.75 32.35 11.37
CA ASP B 53 10.53 31.50 12.25
C ASP B 53 10.94 30.14 11.57
N GLY B 54 10.01 29.51 10.84
CA GLY B 54 10.10 28.06 10.42
C GLY B 54 8.67 27.42 10.32
N PHE B 55 8.49 26.30 9.62
CA PHE B 55 7.21 25.58 9.68
C PHE B 55 7.09 24.79 10.97
N GLY B 56 5.94 24.90 11.69
CA GLY B 56 5.58 24.05 12.82
C GLY B 56 5.82 22.59 12.57
N ILE B 57 6.14 21.74 13.56
CA ILE B 57 6.00 20.25 13.27
C ILE B 57 4.55 19.74 12.71
N ASP B 58 3.52 20.33 13.32
CA ASP B 58 2.18 19.99 13.11
C ASP B 58 2.07 20.36 11.66
N THR B 59 2.40 21.55 11.36
CA THR B 59 2.21 21.89 9.93
C THR B 59 2.82 20.89 9.03
N CYS B 60 3.95 20.46 9.48
CA CYS B 60 4.77 19.56 8.76
C CYS B 60 4.16 18.04 8.61
N ARG B 61 3.70 17.51 9.74
CA ARG B 61 3.03 16.27 9.84
C ARG B 61 1.88 16.24 8.87
N SER B 62 1.21 17.41 8.59
CA SER B 62 0.15 17.43 7.69
C SER B 62 0.50 17.32 6.30
N MET B 63 1.52 18.14 5.91
CA MET B 63 2.08 17.90 4.58
C MET B 63 2.28 16.40 4.19
N VAL B 64 2.89 15.72 5.11
CA VAL B 64 3.07 14.20 5.00
C VAL B 64 1.83 13.23 4.89
N ALA B 65 0.99 13.38 5.85
CA ALA B 65 -0.32 12.81 5.77
C ALA B 65 -1.08 12.95 4.47
N VAL B 66 -1.38 14.15 4.03
CA VAL B 66 -2.13 14.32 2.77
C VAL B 66 -1.44 13.88 1.63
N MET B 67 -0.23 13.48 1.85
CA MET B 67 0.41 13.07 0.67
C MET B 67 0.99 11.59 0.86
N ASP B 68 0.69 10.96 1.98
CA ASP B 68 0.95 9.60 2.21
C ASP B 68 -0.19 8.68 1.95
N SER B 69 -0.23 7.97 0.86
CA SER B 69 -1.29 6.93 0.67
C SER B 69 -1.00 5.57 1.14
N ASP B 70 0.14 5.38 1.80
CA ASP B 70 0.39 4.19 2.41
C ASP B 70 0.27 4.18 4.01
N THR B 71 -0.09 5.30 4.60
CA THR B 71 -0.27 5.37 6.10
C THR B 71 0.94 4.87 6.82
N THR B 72 2.07 5.41 6.43
CA THR B 72 3.41 5.03 7.02
C THR B 72 4.09 6.14 7.70
N GLY B 73 3.53 7.34 7.60
CA GLY B 73 4.11 8.57 8.22
C GLY B 73 5.36 9.16 7.50
N LYS B 74 5.58 8.82 6.21
CA LYS B 74 6.70 9.18 5.42
C LYS B 74 6.12 9.79 4.13
N LEU B 75 6.86 10.81 3.62
CA LEU B 75 6.60 11.58 2.32
C LEU B 75 7.56 11.15 1.26
N GLY B 76 7.02 10.55 0.32
CA GLY B 76 7.87 10.11 -0.80
C GLY B 76 8.43 11.34 -1.64
N PHE B 77 9.59 11.11 -2.27
CA PHE B 77 10.22 12.13 -3.12
C PHE B 77 9.33 12.54 -4.18
N GLU B 78 8.79 11.66 -4.96
CA GLU B 78 7.85 12.21 -6.01
C GLU B 78 6.76 13.10 -5.51
N GLU B 79 6.34 12.81 -4.33
CA GLU B 79 5.21 13.47 -3.67
C GLU B 79 5.75 14.71 -3.11
N PHE B 80 6.98 14.59 -2.67
CA PHE B 80 7.66 15.77 -2.18
C PHE B 80 7.75 16.83 -3.28
N LYS B 81 7.94 16.31 -4.47
CA LYS B 81 8.16 17.20 -5.50
C LYS B 81 6.87 17.83 -5.70
N TYR B 82 5.74 17.13 -5.80
CA TYR B 82 4.44 17.87 -6.02
C TYR B 82 4.32 18.96 -4.90
N LEU B 83 4.73 18.65 -3.69
CA LEU B 83 4.30 19.47 -2.59
C LEU B 83 5.01 20.81 -2.74
N TRP B 84 6.29 20.82 -2.86
CA TRP B 84 7.27 21.88 -3.08
C TRP B 84 6.93 22.80 -4.19
N ASN B 85 6.58 22.23 -5.30
CA ASN B 85 6.11 23.03 -6.36
C ASN B 85 4.93 23.86 -5.90
N ASN B 86 3.88 23.39 -5.29
CA ASN B 86 2.85 24.31 -4.86
C ASN B 86 3.37 25.09 -3.69
N ILE B 87 4.30 24.49 -2.99
CA ILE B 87 4.77 25.27 -1.93
C ILE B 87 5.43 26.64 -2.37
N LYS B 88 6.03 26.67 -3.57
CA LYS B 88 6.82 27.74 -4.10
C LYS B 88 5.85 28.67 -4.81
N LYS B 89 4.80 28.20 -5.40
CA LYS B 89 3.71 29.08 -5.76
C LYS B 89 3.22 29.78 -4.54
N TRP B 90 3.04 29.06 -3.47
CA TRP B 90 2.17 29.63 -2.45
C TRP B 90 3.05 30.50 -1.79
N GLN B 91 4.33 30.40 -2.18
CA GLN B 91 5.38 31.39 -1.69
C GLN B 91 5.13 32.83 -2.23
N GLY B 92 5.11 32.87 -3.59
CA GLY B 92 4.53 33.84 -4.51
C GLY B 92 3.36 34.61 -4.01
N ILE B 93 2.36 33.87 -3.48
CA ILE B 93 1.06 34.44 -3.16
C ILE B 93 1.26 34.99 -1.78
N TYR B 94 2.14 34.40 -0.97
CA TYR B 94 2.36 34.92 0.38
C TYR B 94 2.84 36.35 0.27
N LYS B 95 4.06 36.53 -0.19
CA LYS B 95 4.85 37.86 -0.31
C LYS B 95 3.97 38.85 -1.05
N ARG B 96 3.44 38.42 -2.13
CA ARG B 96 2.56 39.23 -2.81
C ARG B 96 1.28 39.87 -1.97
N PHE B 97 1.25 39.72 -0.63
CA PHE B 97 0.04 40.04 0.21
C PHE B 97 0.34 40.42 1.69
N ASP B 98 1.61 40.04 2.03
CA ASP B 98 2.39 40.53 3.22
C ASP B 98 3.21 41.88 3.01
N THR B 99 2.56 42.89 2.34
CA THR B 99 3.06 44.22 2.10
C THR B 99 4.06 44.53 3.26
N ASP B 100 3.52 44.83 4.46
CA ASP B 100 4.29 45.22 5.68
C ASP B 100 5.47 44.38 6.00
N ARG B 101 5.66 43.31 5.24
CA ARG B 101 6.59 42.20 5.58
C ARG B 101 6.64 41.93 7.09
N SER B 102 5.45 42.24 7.68
CA SER B 102 5.12 41.92 9.12
C SER B 102 5.55 40.45 9.58
N GLY B 103 5.53 39.44 8.61
CA GLY B 103 5.52 37.98 8.92
C GLY B 103 4.12 37.34 9.15
N THR B 104 3.15 38.26 8.97
CA THR B 104 1.69 38.04 8.70
C THR B 104 1.08 38.85 7.53
N ILE B 105 -0.06 38.31 7.09
CA ILE B 105 -1.04 38.96 6.27
C ILE B 105 -2.22 39.37 7.18
N GLY B 106 -2.53 40.67 7.09
CA GLY B 106 -3.59 41.28 7.85
C GLY B 106 -4.83 40.65 7.30
N SER B 107 -5.74 40.42 8.17
CA SER B 107 -7.03 39.91 7.81
C SER B 107 -7.69 40.17 6.42
N ASN B 108 -7.61 41.45 6.07
CA ASN B 108 -8.40 41.82 4.91
C ASN B 108 -7.70 41.42 3.60
N GLU B 109 -6.57 40.72 3.64
CA GLU B 109 -5.81 40.47 2.37
C GLU B 109 -5.93 38.94 1.97
N LEU B 110 -5.92 38.15 2.97
CA LEU B 110 -6.19 36.73 2.86
C LEU B 110 -7.07 36.23 1.78
N PRO B 111 -8.26 36.84 1.71
CA PRO B 111 -9.29 36.31 0.77
C PRO B 111 -8.78 36.64 -0.65
N GLY B 112 -7.96 37.67 -0.82
CA GLY B 112 -7.41 37.84 -2.09
C GLY B 112 -6.37 36.76 -2.36
N ALA B 113 -5.40 36.78 -1.43
CA ALA B 113 -4.31 35.78 -1.43
C ALA B 113 -4.92 34.40 -1.60
N PHE B 114 -6.09 34.15 -1.06
CA PHE B 114 -6.58 32.83 -1.20
C PHE B 114 -7.12 32.46 -2.62
N GLU B 115 -7.86 33.40 -3.18
CA GLU B 115 -8.59 33.28 -4.48
C GLU B 115 -7.51 33.26 -5.49
N ALA B 116 -6.39 33.81 -5.05
CA ALA B 116 -5.13 34.00 -5.78
C ALA B 116 -4.55 32.60 -6.03
N ALA B 117 -4.75 31.81 -4.96
CA ALA B 117 -4.13 30.57 -4.76
C ALA B 117 -4.77 29.44 -5.56
N GLY B 118 -5.93 29.79 -6.14
CA GLY B 118 -6.74 28.97 -7.02
C GLY B 118 -8.03 28.57 -6.23
N PHE B 119 -8.11 28.83 -4.92
CA PHE B 119 -9.32 28.23 -4.25
C PHE B 119 -10.31 29.29 -4.05
N HIS B 120 -11.54 29.06 -4.60
CA HIS B 120 -12.61 30.09 -4.44
C HIS B 120 -13.93 29.66 -3.94
N LEU B 121 -14.12 30.09 -2.70
CA LEU B 121 -15.16 29.76 -1.82
C LEU B 121 -16.10 30.99 -1.55
N ASN B 122 -16.64 31.18 -0.39
CA ASN B 122 -17.40 32.33 -0.31
C ASN B 122 -16.89 33.15 0.82
N GLN B 123 -17.61 34.18 1.19
CA GLN B 123 -17.27 34.90 2.44
C GLN B 123 -17.40 33.95 3.58
N HIS B 124 -18.53 33.21 3.61
CA HIS B 124 -18.95 32.39 4.76
C HIS B 124 -17.79 31.42 5.14
N ILE B 125 -17.11 30.83 4.16
CA ILE B 125 -15.97 29.94 4.50
C ILE B 125 -14.69 30.70 4.99
N TYR B 126 -14.24 31.69 4.18
CA TYR B 126 -13.20 32.56 4.68
C TYR B 126 -13.50 33.14 6.09
N SER B 127 -14.66 33.69 6.34
CA SER B 127 -15.02 33.87 7.75
C SER B 127 -14.96 32.63 8.65
N MET B 128 -14.18 31.65 8.29
CA MET B 128 -14.11 30.55 9.17
C MET B 128 -12.72 30.21 9.07
N ILE B 129 -12.29 29.92 7.87
CA ILE B 129 -10.87 29.60 7.76
C ILE B 129 -9.90 30.65 8.46
N ILE B 130 -10.27 31.92 8.16
CA ILE B 130 -9.49 33.04 8.69
C ILE B 130 -9.66 32.87 10.16
N ARG B 131 -10.92 32.73 10.56
CA ARG B 131 -11.26 32.66 12.03
C ARG B 131 -10.62 31.43 12.76
N ARG B 132 -9.91 30.62 12.01
CA ARG B 132 -9.44 29.32 12.52
C ARG B 132 -7.97 29.14 12.24
N TYR B 133 -7.44 29.75 11.18
CA TYR B 133 -5.97 29.81 11.10
C TYR B 133 -5.22 31.12 11.67
N SER B 134 -5.95 32.21 11.92
CA SER B 134 -5.27 33.45 12.21
C SER B 134 -4.76 33.40 13.53
N ASP B 135 -4.16 34.50 14.10
CA ASP B 135 -3.95 34.68 15.61
C ASP B 135 -5.14 35.39 16.38
N GLU B 136 -4.89 35.89 17.63
CA GLU B 136 -5.91 36.68 18.26
C GLU B 136 -6.08 37.85 17.38
N THR B 137 -4.94 38.38 16.86
CA THR B 137 -4.87 39.65 15.98
C THR B 137 -5.58 39.37 14.61
N GLY B 138 -5.88 38.12 14.35
CA GLY B 138 -6.68 37.90 13.20
C GLY B 138 -5.82 37.95 11.98
N ASN B 139 -4.59 37.54 12.16
CA ASN B 139 -3.66 37.54 11.08
C ASN B 139 -2.92 36.15 11.06
N MET B 140 -2.53 35.79 9.88
CA MET B 140 -2.13 34.51 9.70
C MET B 140 -0.69 34.72 9.38
N ASP B 141 0.17 34.26 10.31
CA ASP B 141 1.52 33.86 9.92
C ASP B 141 1.74 32.86 8.63
N PHE B 142 2.95 32.56 8.29
CA PHE B 142 3.20 31.87 7.01
C PHE B 142 3.07 30.36 7.14
N ASP B 143 3.85 29.82 8.03
CA ASP B 143 3.27 28.68 8.67
C ASP B 143 1.70 28.44 8.37
N ASN B 144 0.86 29.10 9.19
CA ASN B 144 -0.60 28.98 8.89
C ASN B 144 -1.07 29.18 7.45
N PHE B 145 -0.52 30.12 6.71
CA PHE B 145 -1.03 30.34 5.46
C PHE B 145 -0.67 29.06 4.60
N ILE B 146 0.53 28.57 4.78
CA ILE B 146 0.82 27.46 4.03
C ILE B 146 0.02 26.16 4.52
N SER B 147 0.03 25.94 5.80
CA SER B 147 -0.64 24.83 6.30
C SER B 147 -1.99 24.72 5.76
N CYS B 148 -2.66 25.86 5.78
CA CYS B 148 -4.10 25.88 5.23
C CYS B 148 -4.27 25.43 3.79
N LEU B 149 -3.40 25.97 2.99
CA LEU B 149 -3.47 25.79 1.60
C LEU B 149 -3.13 24.30 1.23
N VAL B 150 -2.31 23.76 2.10
CA VAL B 150 -1.88 22.34 2.01
C VAL B 150 -3.18 21.47 2.14
N ARG B 151 -4.01 21.78 3.11
CA ARG B 151 -5.35 21.17 3.45
C ARG B 151 -6.29 21.34 2.53
N LEU B 152 -6.45 22.59 2.23
CA LEU B 152 -7.51 22.86 1.30
C LEU B 152 -7.16 22.14 0.14
N ASP B 153 -5.91 22.10 -0.16
CA ASP B 153 -5.52 21.46 -1.51
C ASP B 153 -5.92 19.94 -1.57
N ALA B 154 -5.58 19.37 -0.45
CA ALA B 154 -5.80 17.95 -0.30
C ALA B 154 -7.32 17.63 -0.10
N MET B 155 -8.15 18.50 0.47
CA MET B 155 -9.50 18.16 0.53
C MET B 155 -10.12 18.41 -0.78
N PHE B 156 -9.45 19.13 -1.59
CA PHE B 156 -10.09 19.31 -2.87
C PHE B 156 -9.71 18.19 -3.69
N ARG B 157 -8.50 17.67 -3.52
CA ARG B 157 -7.99 16.64 -4.37
C ARG B 157 -8.73 15.32 -3.97
N ALA B 158 -8.82 15.12 -2.62
CA ALA B 158 -9.74 14.10 -2.16
C ALA B 158 -11.20 13.94 -2.83
N PHE B 159 -11.90 14.99 -3.08
CA PHE B 159 -13.16 14.99 -3.58
C PHE B 159 -13.03 14.60 -5.02
N ARG B 160 -11.94 15.06 -5.71
CA ARG B 160 -11.92 14.77 -7.15
C ARG B 160 -11.75 13.26 -7.24
N SER B 161 -11.02 12.68 -6.28
CA SER B 161 -10.60 11.36 -6.40
C SER B 161 -11.80 10.39 -6.20
N LEU B 162 -12.76 10.82 -5.32
CA LEU B 162 -14.02 10.27 -5.03
C LEU B 162 -15.35 10.71 -5.94
N ASP B 163 -15.17 11.69 -6.77
CA ASP B 163 -16.06 11.95 -7.80
C ASP B 163 -15.37 11.86 -9.28
N LYS B 164 -15.11 10.61 -9.80
CA LYS B 164 -14.25 10.51 -10.96
C LYS B 164 -15.20 10.91 -12.15
N ASN B 165 -16.50 10.67 -12.01
CA ASN B 165 -17.49 10.81 -13.11
C ASN B 165 -17.99 12.20 -13.25
N GLY B 166 -18.76 12.72 -12.38
CA GLY B 166 -18.95 14.14 -12.55
C GLY B 166 -19.85 14.73 -11.52
N THR B 167 -20.65 13.90 -10.88
CA THR B 167 -21.68 14.31 -9.96
C THR B 167 -21.00 15.26 -9.21
N GLY B 168 -21.49 16.39 -8.82
CA GLY B 168 -20.61 17.20 -7.82
C GLY B 168 -20.75 16.87 -6.30
N GLN B 169 -20.81 15.53 -5.99
CA GLN B 169 -21.02 14.72 -4.72
C GLN B 169 -20.26 13.40 -4.58
N ILE B 170 -20.10 13.05 -3.32
CA ILE B 170 -19.29 11.93 -2.86
C ILE B 170 -20.14 11.41 -1.80
N GLN B 171 -20.05 10.03 -1.67
CA GLN B 171 -20.63 9.31 -0.58
C GLN B 171 -19.62 8.43 0.10
N VAL B 172 -19.44 8.57 1.42
CA VAL B 172 -18.44 7.82 2.19
C VAL B 172 -19.15 7.05 3.31
N ASN B 173 -18.76 5.80 3.46
CA ASN B 173 -19.10 5.06 4.58
C ASN B 173 -18.29 5.73 5.84
N ILE B 174 -18.38 5.13 6.98
CA ILE B 174 -17.67 5.66 8.11
C ILE B 174 -16.16 5.44 8.09
N GLN B 175 -15.71 4.44 7.54
CA GLN B 175 -14.24 4.15 7.57
C GLN B 175 -13.62 5.16 6.64
N GLU B 176 -14.33 5.44 5.53
CA GLU B 176 -13.76 6.26 4.53
C GLU B 176 -13.64 7.67 5.15
N TRP B 177 -14.73 8.09 5.83
CA TRP B 177 -14.87 9.38 6.50
C TRP B 177 -13.80 9.63 7.49
N LEU B 178 -13.35 8.63 8.20
CA LEU B 178 -12.36 8.91 9.26
C LEU B 178 -10.99 8.80 8.68
N GLN B 179 -10.72 7.90 7.73
CA GLN B 179 -9.41 7.88 7.03
C GLN B 179 -9.12 9.21 6.38
N LEU B 180 -10.15 9.79 5.79
CA LEU B 180 -9.99 10.89 4.95
C LEU B 180 -9.82 12.22 5.88
N THR B 181 -10.33 12.17 7.11
CA THR B 181 -10.38 13.29 8.03
C THR B 181 -9.52 13.19 9.15
N MET B 182 -9.17 11.96 9.56
CA MET B 182 -8.14 11.81 10.68
C MET B 182 -6.71 12.08 10.04
N TYR B 183 -6.38 11.42 8.87
CA TYR B 183 -5.08 11.60 8.19
C TYR B 183 -4.88 12.96 7.25
N SER B 184 -4.93 14.18 7.88
CA SER B 184 -5.26 15.29 7.13
C SER B 184 -4.36 16.54 7.53
#